data_8EYE
#
_entry.id   8EYE
#
_cell.length_a   74.838
_cell.length_b   109.294
_cell.length_c   117.764
_cell.angle_alpha   90.000
_cell.angle_beta   90.000
_cell.angle_gamma   90.000
#
_symmetry.space_group_name_H-M   'P 21 21 21'
#
loop_
_entity.id
_entity.type
_entity.pdbx_description
1 polymer 'M1 family aminopeptidase'
2 non-polymer GLYCEROL
3 non-polymer 'DIMETHYL SULFOXIDE'
4 non-polymer "N~2~-(3,5-difluorophenyl)-N-[(1R)-2-(hydroxyamino)-2-oxo-1-(3',4',5'-trifluoro[1,1'-biphenyl]-4-yl)ethyl]glycinamide"
5 non-polymer 'ZINC ION'
6 non-polymer 'MAGNESIUM ION'
7 water water
#
_entity_poly.entity_id   1
_entity_poly.type   'polypeptide(L)'
_entity_poly.pdbx_seq_one_letter_code
;MEPKIHYRKDYKPSGFIINQVTLNINIHDQETIVRSVLDMDISKHNVGEDLVFDGVGLKINEISINNKKLVEGEEYTYDN
EFLTIFSKFVPKSKFAFSSEVIIHPETNYALTGLYKSKNIIVSQCEATGFRRITFFIDRPDMMAKYDVTVTADKEKYPVL
LSNGDKVNEFEIPGGRHGARFNDPPLKPCYLFAVVAGDLKHLSATYITKYTKKKVELYVFSEEKYVSKLQWALECLKKSM
AFDEDYFGLEYDLSRLNLVAVSDFNVGAMENKGLNIFNANSLLASKKNSIDFSYARILTVVGHEYFHQYTGNRVTLRDWF
QLTLKEGLTVHRENLFSEEMTKTVTTRLSHVDLLRSVQFLEDSSPLSHPIRPESYVSMENFYTTTVYDKGSEVMRMYLTI
LGEEYYKKGFDIYIKKNDGNTATCEDFNYAMEQAYKMKKADNSANLNQYLLWFSQSGTPHVSFKYNYDAEKKQYSIHVNQ
YTKPDENQKEKKPLFIPISVGLINPENGKEMISQTTLELTKESDTFVFNNIAVKPIPSLFRGFSAPVYIEDQLTDEERIL
LLKYDSDAFVRYNSCTNIYMKQILMNYNEFLKAKNEKLESFQLTPVNAQFIDAIKYLLEDPHADAGFKSYIVSLPQDRYI
INFVSNLDTDVLADTKEYIYKQIGDKLNDVYYKMFKSLEAKADDLTYFNDESHVDFDQMNMRTLRNTLLSLLSKAQYPNI
LNEIIEHSKSPYPSNWLTSLSVSAYFDKYFELYDKTYKLSKDDELLLQEWLKTVSRSDRKDIYEILKKLENEVLKDSKNP
NDIRAVYLPFTNNLRRFHDISGKGYKLIAEVITKTDKFNPMVATQLCEPFKLWNKLDTKRQELMLNEMNTMLQEPQISNN
LKEYLLRLTNKLHHHHHH
;
_entity_poly.pdbx_strand_id   A
#
loop_
_chem_comp.id
_chem_comp.type
_chem_comp.name
_chem_comp.formula
DMS non-polymer 'DIMETHYL SULFOXIDE' 'C2 H6 O S'
GOL non-polymer GLYCEROL 'C3 H8 O3'
MG non-polymer 'MAGNESIUM ION' 'Mg 2'
X4I non-polymer N~2~-(3,5-difluorophenyl)-N-[(1R)-2-(hydroxyamino)-2-oxo-1-(3',4',5'-trifluoro[1,1'-biphenyl]-4-yl)ethyl]glycinamide 'C22 H16 F5 N3 O3'
ZN non-polymer 'ZINC ION' 'Zn 2'
#
# COMPACT_ATOMS: atom_id res chain seq x y z
N PRO A 3 -24.64 -13.27 8.12
CA PRO A 3 -23.81 -12.04 8.10
C PRO A 3 -24.48 -10.89 7.33
N LYS A 4 -24.45 -9.70 7.91
CA LYS A 4 -25.12 -8.55 7.31
C LYS A 4 -24.33 -8.02 6.12
N ILE A 5 -24.99 -7.92 4.97
CA ILE A 5 -24.40 -7.32 3.78
C ILE A 5 -24.86 -5.86 3.72
N HIS A 6 -23.91 -4.94 3.63
CA HIS A 6 -24.23 -3.52 3.51
C HIS A 6 -24.14 -3.14 2.03
N TYR A 7 -25.15 -2.43 1.53
CA TYR A 7 -25.24 -2.07 0.12
C TYR A 7 -25.08 -0.56 -0.06
N ARG A 8 -24.26 -0.19 -1.05
CA ARG A 8 -24.01 1.23 -1.32
C ARG A 8 -25.29 1.99 -1.59
N LYS A 9 -26.20 1.38 -2.36
CA LYS A 9 -27.43 2.06 -2.73
C LYS A 9 -28.35 2.29 -1.55
N ASP A 10 -28.07 1.66 -0.41
CA ASP A 10 -28.94 1.74 0.75
C ASP A 10 -28.61 2.87 1.70
N TYR A 11 -27.62 3.72 1.39
CA TYR A 11 -27.25 4.79 2.31
C TYR A 11 -28.46 5.65 2.67
N LYS A 12 -28.62 5.90 3.97
CA LYS A 12 -29.67 6.76 4.46
C LYS A 12 -29.14 7.47 5.70
N PRO A 13 -29.40 8.76 5.85
CA PRO A 13 -28.90 9.47 7.04
C PRO A 13 -29.56 8.93 8.31
N SER A 14 -28.84 9.07 9.41
CA SER A 14 -29.32 8.60 10.72
C SER A 14 -30.53 9.40 11.19
N GLY A 15 -31.39 8.73 11.96
CA GLY A 15 -32.47 9.41 12.66
C GLY A 15 -32.02 10.15 13.90
N PHE A 16 -30.71 10.15 14.15
CA PHE A 16 -30.16 10.77 15.34
C PHE A 16 -28.98 11.66 14.97
N ILE A 17 -28.62 12.51 15.93
CA ILE A 17 -27.48 13.40 15.85
C ILE A 17 -26.70 13.26 17.15
N ILE A 18 -25.37 13.22 17.05
CA ILE A 18 -24.49 13.29 18.20
C ILE A 18 -23.69 14.57 18.06
N ASN A 19 -23.98 15.54 18.93
CA ASN A 19 -23.33 16.84 18.83
C ASN A 19 -22.07 16.93 19.66
N GLN A 20 -22.04 16.32 20.84
CA GLN A 20 -20.88 16.45 21.69
C GLN A 20 -20.58 15.12 22.36
N VAL A 21 -19.29 14.76 22.37
CA VAL A 21 -18.79 13.58 23.05
C VAL A 21 -17.92 14.06 24.20
N THR A 22 -18.22 13.61 25.42
CA THR A 22 -17.39 13.91 26.58
C THR A 22 -16.92 12.59 27.16
N LEU A 23 -15.63 12.31 27.05
CA LEU A 23 -15.05 11.01 27.39
C LEU A 23 -14.16 11.11 28.63
N ASN A 24 -14.21 10.08 29.47
CA ASN A 24 -13.28 9.90 30.58
C ASN A 24 -12.74 8.49 30.44
N ILE A 25 -11.45 8.37 30.12
CA ILE A 25 -10.80 7.09 29.90
C ILE A 25 -9.81 6.88 31.04
N ASN A 26 -10.14 5.96 31.96
CA ASN A 26 -9.34 5.73 33.14
C ASN A 26 -8.65 4.38 33.01
N ILE A 27 -7.34 4.44 32.77
CA ILE A 27 -6.53 3.26 32.51
C ILE A 27 -6.05 2.71 33.84
N HIS A 28 -6.37 1.44 34.12
CA HIS A 28 -5.91 0.76 35.31
C HIS A 28 -5.13 -0.48 34.91
N ASP A 29 -4.59 -1.18 35.91
CA ASP A 29 -3.65 -2.27 35.65
C ASP A 29 -4.33 -3.39 34.86
N GLN A 30 -5.53 -3.78 35.28
CA GLN A 30 -6.19 -4.95 34.71
C GLN A 30 -7.44 -4.61 33.91
N GLU A 31 -7.79 -3.33 33.79
CA GLU A 31 -8.96 -2.94 33.02
C GLU A 31 -8.85 -1.46 32.72
N THR A 32 -9.66 -1.00 31.77
CA THR A 32 -9.82 0.42 31.51
C THR A 32 -11.30 0.75 31.59
N ILE A 33 -11.63 1.79 32.36
CA ILE A 33 -13.00 2.26 32.52
C ILE A 33 -13.22 3.44 31.59
N VAL A 34 -14.27 3.37 30.77
CA VAL A 34 -14.59 4.43 29.82
C VAL A 34 -15.96 4.97 30.21
N ARG A 35 -16.00 6.22 30.70
CA ARG A 35 -17.25 6.94 30.85
C ARG A 35 -17.43 7.90 29.68
N SER A 36 -18.67 7.97 29.18
CA SER A 36 -18.98 8.78 28.02
C SER A 36 -20.35 9.40 28.19
N VAL A 37 -20.44 10.72 27.96
CA VAL A 37 -21.70 11.42 27.83
C VAL A 37 -21.80 11.89 26.39
N LEU A 38 -22.90 11.54 25.73
CA LEU A 38 -23.19 11.92 24.37
C LEU A 38 -24.34 12.91 24.40
N ASP A 39 -24.09 14.15 23.98
CA ASP A 39 -25.15 15.13 23.87
C ASP A 39 -25.79 14.95 22.50
N MET A 40 -27.04 14.48 22.46
CA MET A 40 -27.62 14.03 21.22
C MET A 40 -28.92 14.77 20.93
N ASP A 41 -29.40 14.54 19.70
CA ASP A 41 -30.62 15.17 19.22
C ASP A 41 -31.29 14.20 18.25
N ILE A 42 -32.52 14.55 17.87
CA ILE A 42 -33.31 13.80 16.90
C ILE A 42 -33.18 14.52 15.56
N SER A 43 -32.81 13.77 14.52
CA SER A 43 -32.65 14.38 13.19
C SER A 43 -33.98 14.44 12.44
N LYS A 44 -33.99 15.20 11.34
CA LYS A 44 -35.19 15.33 10.51
C LYS A 44 -35.60 14.01 9.87
N HIS A 45 -34.70 13.05 9.78
CA HIS A 45 -34.99 11.75 9.20
C HIS A 45 -35.58 10.77 10.20
N ASN A 46 -35.69 11.16 11.46
CA ASN A 46 -36.19 10.25 12.49
C ASN A 46 -37.66 9.92 12.25
N VAL A 47 -38.00 8.64 12.43
CA VAL A 47 -39.37 8.16 12.25
C VAL A 47 -39.80 7.34 13.46
N GLY A 48 -39.26 7.67 14.63
CA GLY A 48 -39.66 7.03 15.87
C GLY A 48 -38.96 5.72 16.19
N GLU A 49 -37.81 5.46 15.57
CA GLU A 49 -37.14 4.18 15.71
C GLU A 49 -36.48 4.03 17.08
N ASP A 50 -36.16 2.78 17.43
CA ASP A 50 -35.29 2.50 18.56
C ASP A 50 -33.96 3.23 18.36
N LEU A 51 -33.34 3.61 19.47
CA LEU A 51 -31.97 4.16 19.46
C LEU A 51 -31.00 2.98 19.53
N VAL A 52 -30.29 2.73 18.44
CA VAL A 52 -29.36 1.60 18.34
C VAL A 52 -27.93 2.12 18.26
N PHE A 53 -27.13 1.78 19.27
CA PHE A 53 -25.71 2.09 19.26
C PHE A 53 -24.92 0.86 18.86
N ASP A 54 -23.82 1.10 18.14
CA ASP A 54 -22.79 0.08 18.03
C ASP A 54 -22.01 0.01 19.34
N GLY A 55 -21.67 -1.20 19.73
CA GLY A 55 -20.84 -1.38 20.91
C GLY A 55 -20.43 -2.84 20.95
N VAL A 56 -19.15 -3.10 20.71
CA VAL A 56 -18.65 -4.46 20.49
C VAL A 56 -17.71 -4.82 21.63
N GLY A 57 -18.07 -5.88 22.37
CA GLY A 57 -17.19 -6.35 23.42
C GLY A 57 -17.16 -5.48 24.65
N LEU A 58 -18.19 -4.66 24.89
CA LEU A 58 -18.19 -3.76 26.03
C LEU A 58 -18.85 -4.43 27.22
N LYS A 59 -18.31 -4.19 28.42
CA LYS A 59 -18.93 -4.65 29.65
C LYS A 59 -19.64 -3.45 30.27
N ILE A 60 -20.96 -3.51 30.33
CA ILE A 60 -21.75 -2.39 30.83
C ILE A 60 -21.69 -2.34 32.35
N ASN A 61 -21.28 -1.19 32.89
CA ASN A 61 -21.53 -0.90 34.30
C ASN A 61 -22.88 -0.23 34.49
N GLU A 62 -23.16 0.78 33.67
CA GLU A 62 -24.48 1.41 33.69
C GLU A 62 -24.65 2.20 32.42
N ILE A 63 -25.90 2.37 32.00
CA ILE A 63 -26.25 3.32 30.95
C ILE A 63 -27.40 4.18 31.45
N SER A 64 -27.43 5.42 30.97
CA SER A 64 -28.39 6.40 31.46
C SER A 64 -28.83 7.29 30.31
N ILE A 65 -30.00 7.89 30.49
CA ILE A 65 -30.50 8.93 29.59
C ILE A 65 -30.98 10.07 30.49
N ASN A 66 -30.38 11.26 30.29
CA ASN A 66 -30.71 12.42 31.13
C ASN A 66 -30.53 12.12 32.61
N ASN A 67 -29.45 11.40 32.92
CA ASN A 67 -29.04 11.06 34.28
C ASN A 67 -30.03 10.14 34.98
N LYS A 68 -30.84 9.42 34.20
CA LYS A 68 -31.75 8.41 34.73
C LYS A 68 -31.23 7.05 34.29
N LYS A 69 -30.84 6.23 35.25
CA LYS A 69 -30.26 4.92 34.97
C LYS A 69 -31.27 4.04 34.23
N LEU A 70 -30.83 3.44 33.12
CA LEU A 70 -31.69 2.57 32.32
C LEU A 70 -31.63 1.14 32.84
N VAL A 71 -32.70 0.39 32.63
CA VAL A 71 -32.87 -0.94 33.20
C VAL A 71 -32.85 -1.95 32.06
N GLU A 72 -32.02 -2.98 32.20
CA GLU A 72 -31.80 -3.93 31.12
C GLU A 72 -33.00 -4.86 30.95
N GLY A 73 -33.27 -5.22 29.70
CA GLY A 73 -34.37 -6.13 29.36
C GLY A 73 -35.70 -5.46 29.13
N GLU A 74 -36.04 -4.47 29.95
CA GLU A 74 -37.29 -3.74 29.83
C GLU A 74 -37.15 -2.48 28.99
N GLU A 75 -36.02 -1.78 29.10
CA GLU A 75 -35.79 -0.55 28.37
C GLU A 75 -34.63 -0.63 27.39
N TYR A 76 -33.77 -1.64 27.51
CA TYR A 76 -32.69 -1.80 26.54
C TYR A 76 -32.24 -3.24 26.52
N THR A 77 -31.74 -3.68 25.36
CA THR A 77 -31.07 -4.94 25.19
C THR A 77 -29.66 -4.68 24.66
N TYR A 78 -28.70 -5.51 25.11
CA TYR A 78 -27.33 -5.47 24.60
C TYR A 78 -26.89 -6.89 24.30
N ASP A 79 -26.40 -7.11 23.08
CA ASP A 79 -26.04 -8.45 22.63
C ASP A 79 -24.56 -8.60 22.29
N ASN A 80 -23.71 -7.71 22.80
CA ASN A 80 -22.25 -7.63 22.60
C ASN A 80 -21.91 -7.03 21.24
N GLU A 81 -22.89 -6.60 20.46
CA GLU A 81 -22.69 -5.94 19.18
C GLU A 81 -23.50 -4.65 19.05
N PHE A 82 -24.76 -4.66 19.49
CA PHE A 82 -25.66 -3.53 19.39
C PHE A 82 -26.34 -3.29 20.73
N LEU A 83 -26.36 -2.03 21.15
CA LEU A 83 -27.14 -1.60 22.29
C LEU A 83 -28.42 -0.98 21.75
N THR A 84 -29.56 -1.57 22.10
CA THR A 84 -30.86 -1.15 21.57
C THR A 84 -31.65 -0.54 22.72
N ILE A 85 -31.94 0.75 22.64
CA ILE A 85 -32.81 1.42 23.60
C ILE A 85 -34.17 1.58 22.93
N PHE A 86 -35.19 0.96 23.52
CA PHE A 86 -36.51 0.93 22.90
C PHE A 86 -37.06 2.35 22.76
N SER A 87 -37.69 2.61 21.62
CA SER A 87 -38.05 3.97 21.25
C SER A 87 -38.93 4.65 22.30
N LYS A 88 -39.75 3.89 23.03
CA LYS A 88 -40.59 4.51 24.08
C LYS A 88 -39.76 5.30 25.08
N PHE A 89 -38.52 4.90 25.30
CA PHE A 89 -37.66 5.54 26.27
C PHE A 89 -36.64 6.47 25.64
N VAL A 90 -36.79 6.76 24.36
CA VAL A 90 -35.90 7.67 23.65
C VAL A 90 -36.56 9.05 23.63
N PRO A 91 -35.93 10.08 24.19
CA PRO A 91 -36.55 11.41 24.20
C PRO A 91 -36.80 11.92 22.79
N LYS A 92 -37.67 12.93 22.67
CA LYS A 92 -38.03 13.46 21.37
C LYS A 92 -37.33 14.77 21.05
N SER A 93 -36.52 15.30 21.97
CA SER A 93 -35.72 16.47 21.71
C SER A 93 -34.33 16.21 22.26
N LYS A 94 -33.51 17.27 22.32
CA LYS A 94 -32.13 17.16 22.79
C LYS A 94 -32.07 16.41 24.11
N PHE A 95 -31.20 15.40 24.17
CA PHE A 95 -31.05 14.59 25.36
C PHE A 95 -29.58 14.18 25.51
N ALA A 96 -29.24 13.73 26.72
CA ALA A 96 -27.92 13.21 27.00
C ALA A 96 -28.01 11.71 27.25
N PHE A 97 -27.20 10.95 26.52
CA PHE A 97 -26.99 9.54 26.78
C PHE A 97 -25.64 9.38 27.46
N SER A 98 -25.58 8.59 28.53
CA SER A 98 -24.30 8.39 29.19
C SER A 98 -24.12 6.91 29.49
N SER A 99 -22.86 6.51 29.60
CA SER A 99 -22.57 5.11 29.88
C SER A 99 -21.22 5.00 30.55
N GLU A 100 -21.08 3.92 31.31
CA GLU A 100 -19.78 3.52 31.83
C GLU A 100 -19.57 2.07 31.43
N VAL A 101 -18.47 1.80 30.73
CA VAL A 101 -18.14 0.45 30.31
C VAL A 101 -16.73 0.12 30.73
N ILE A 102 -16.45 -1.19 30.77
CA ILE A 102 -15.13 -1.73 31.04
C ILE A 102 -14.60 -2.40 29.77
N ILE A 103 -13.35 -2.08 29.42
CA ILE A 103 -12.65 -2.74 28.32
C ILE A 103 -11.26 -3.12 28.83
N HIS A 104 -10.54 -3.89 28.02
CA HIS A 104 -9.33 -4.58 28.48
C HIS A 104 -8.24 -4.49 27.43
N PRO A 105 -7.59 -3.33 27.30
CA PRO A 105 -6.56 -3.17 26.26
C PRO A 105 -5.42 -4.17 26.35
N GLU A 106 -5.12 -4.67 27.56
CA GLU A 106 -3.97 -5.56 27.73
C GLU A 106 -4.12 -6.84 26.94
N THR A 107 -5.33 -7.38 26.83
CA THR A 107 -5.54 -8.64 26.14
C THR A 107 -6.15 -8.44 24.75
N ASN A 108 -6.14 -7.21 24.25
CA ASN A 108 -6.74 -6.89 22.96
C ASN A 108 -5.68 -7.09 21.89
N TYR A 109 -5.47 -8.35 21.50
CA TYR A 109 -4.41 -8.69 20.56
C TYR A 109 -4.80 -8.51 19.10
N ALA A 110 -6.06 -8.17 18.83
CA ALA A 110 -6.50 -7.85 17.47
C ALA A 110 -6.10 -6.44 17.03
N LEU A 111 -5.69 -5.58 17.97
CA LEU A 111 -5.12 -4.27 17.67
C LEU A 111 -6.14 -3.35 16.99
N THR A 112 -7.39 -3.49 17.40
CA THR A 112 -8.47 -2.59 16.98
C THR A 112 -9.20 -2.13 18.23
N GLY A 113 -9.65 -0.88 18.23
CA GLY A 113 -10.18 -0.29 19.46
C GLY A 113 -9.05 0.22 20.32
N LEU A 114 -9.12 0.02 21.63
CA LEU A 114 -8.05 0.43 22.53
C LEU A 114 -7.23 -0.79 22.92
N TYR A 115 -5.91 -0.71 22.73
CA TYR A 115 -5.07 -1.88 22.98
C TYR A 115 -3.72 -1.46 23.50
N LYS A 116 -2.98 -2.45 23.99
CA LYS A 116 -1.65 -2.23 24.56
C LYS A 116 -0.63 -2.78 23.58
N SER A 117 0.31 -1.93 23.18
CA SER A 117 1.43 -2.36 22.36
C SER A 117 2.70 -2.21 23.18
N LYS A 118 3.24 -3.33 23.66
CA LYS A 118 4.37 -3.32 24.58
C LYS A 118 3.93 -2.53 25.82
N ASN A 119 4.52 -1.37 26.10
CA ASN A 119 4.10 -0.58 27.25
C ASN A 119 3.37 0.70 26.88
N ILE A 120 2.78 0.75 25.70
CA ILE A 120 2.04 1.91 25.21
C ILE A 120 0.58 1.49 25.05
N ILE A 121 -0.32 2.29 25.61
CA ILE A 121 -1.75 2.17 25.34
C ILE A 121 -2.04 3.03 24.11
N VAL A 122 -2.75 2.46 23.13
CA VAL A 122 -2.95 3.15 21.87
C VAL A 122 -4.28 2.69 21.26
N SER A 123 -4.93 3.58 20.50
CA SER A 123 -6.18 3.24 19.85
C SER A 123 -5.99 3.07 18.34
N GLN A 124 -6.86 2.26 17.73
CA GLN A 124 -7.01 2.24 16.28
C GLN A 124 -8.50 2.12 15.97
N CYS A 125 -9.08 3.19 15.43
CA CYS A 125 -10.52 3.26 15.30
C CYS A 125 -11.03 3.13 13.86
N GLU A 126 -10.24 3.49 12.85
CA GLU A 126 -10.68 3.18 11.49
C GLU A 126 -10.71 1.67 11.29
N ALA A 127 -11.77 1.18 10.65
CA ALA A 127 -12.98 1.89 10.20
C ALA A 127 -14.04 1.93 11.29
N THR A 128 -14.29 0.79 11.92
CA THR A 128 -15.38 0.64 12.88
C THR A 128 -14.86 0.15 14.22
N GLY A 129 -13.72 0.70 14.66
CA GLY A 129 -13.14 0.33 15.94
C GLY A 129 -13.55 1.21 17.13
N PHE A 130 -14.09 2.40 16.88
CA PHE A 130 -14.50 3.23 18.02
C PHE A 130 -15.56 2.54 18.87
N ARG A 131 -16.41 1.73 18.26
CA ARG A 131 -17.43 0.99 18.99
C ARG A 131 -16.86 -0.05 19.95
N ARG A 132 -15.58 -0.39 19.82
CA ARG A 132 -14.91 -1.26 20.79
C ARG A 132 -14.41 -0.49 22.02
N ILE A 133 -14.55 0.83 22.02
CA ILE A 133 -14.13 1.68 23.12
C ILE A 133 -15.33 2.15 23.94
N THR A 134 -16.40 2.54 23.26
CA THR A 134 -17.60 3.00 23.93
C THR A 134 -18.75 2.97 22.91
N PHE A 135 -19.97 3.14 23.40
CA PHE A 135 -21.13 3.11 22.52
C PHE A 135 -21.14 4.32 21.61
N PHE A 136 -21.53 4.09 20.36
CA PHE A 136 -21.60 5.20 19.41
C PHE A 136 -22.43 4.77 18.22
N ILE A 137 -22.89 5.75 17.44
CA ILE A 137 -23.40 5.46 16.11
C ILE A 137 -22.18 5.55 15.19
N ASP A 138 -21.49 4.42 15.07
CA ASP A 138 -20.11 4.35 14.57
C ASP A 138 -20.11 4.30 13.04
N ARG A 139 -20.29 5.48 12.44
CA ARG A 139 -20.29 5.68 10.99
C ARG A 139 -19.79 7.09 10.74
N PRO A 140 -19.10 7.33 9.62
CA PRO A 140 -18.33 8.58 9.46
C PRO A 140 -19.19 9.81 9.19
N ASP A 141 -20.47 9.66 8.89
CA ASP A 141 -21.33 10.84 8.73
C ASP A 141 -21.86 11.38 10.05
N MET A 142 -21.57 10.74 11.18
CA MET A 142 -21.93 11.27 12.51
C MET A 142 -20.79 12.11 13.08
N MET A 143 -20.78 13.40 12.72
CA MET A 143 -19.77 14.34 13.20
C MET A 143 -20.14 14.98 14.52
N ALA A 144 -19.15 15.07 15.40
CA ALA A 144 -19.35 15.55 16.75
C ALA A 144 -18.09 16.26 17.23
N LYS A 145 -18.27 17.10 18.25
CA LYS A 145 -17.18 17.68 19.01
C LYS A 145 -16.75 16.71 20.11
N TYR A 146 -15.46 16.75 20.47
CA TYR A 146 -14.88 15.80 21.41
C TYR A 146 -14.16 16.51 22.55
N ASP A 147 -14.46 16.09 23.78
CA ASP A 147 -13.81 16.60 24.98
C ASP A 147 -13.38 15.36 25.74
N VAL A 148 -12.06 15.10 25.80
CA VAL A 148 -11.54 13.79 26.18
C VAL A 148 -10.56 13.95 27.34
N THR A 149 -10.86 13.27 28.45
CA THR A 149 -9.95 13.20 29.58
C THR A 149 -9.41 11.78 29.70
N VAL A 150 -8.10 11.65 29.89
CA VAL A 150 -7.44 10.37 30.08
C VAL A 150 -6.72 10.41 31.43
N THR A 151 -6.85 9.34 32.21
CA THR A 151 -6.12 9.24 33.48
C THR A 151 -5.40 7.90 33.52
N ALA A 152 -4.29 7.85 34.27
CA ALA A 152 -3.44 6.68 34.30
C ALA A 152 -2.38 6.83 35.39
N ASP A 153 -1.73 5.71 35.70
CA ASP A 153 -0.54 5.74 36.56
C ASP A 153 0.51 6.66 35.95
N LYS A 154 1.00 7.61 36.75
CA LYS A 154 1.92 8.60 36.22
C LYS A 154 3.26 7.96 35.84
N GLU A 155 3.73 7.01 36.65
CA GLU A 155 5.02 6.36 36.37
C GLU A 155 4.97 5.56 35.08
N LYS A 156 3.96 4.70 34.91
CA LYS A 156 3.89 3.91 33.67
C LYS A 156 3.51 4.75 32.46
N TYR A 157 2.70 5.79 32.64
CA TYR A 157 2.09 6.51 31.51
C TYR A 157 2.22 8.03 31.66
N PRO A 158 3.45 8.56 31.66
CA PRO A 158 3.62 10.00 31.90
C PRO A 158 3.18 10.87 30.75
N VAL A 159 3.15 10.35 29.52
CA VAL A 159 2.73 11.11 28.34
C VAL A 159 1.33 10.66 27.94
N LEU A 160 0.40 11.60 27.94
CA LEU A 160 -0.99 11.37 27.59
C LEU A 160 -1.32 12.23 26.39
N LEU A 161 -1.90 11.64 25.35
CA LEU A 161 -2.25 12.37 24.13
C LEU A 161 -3.63 11.97 23.64
N SER A 162 -4.36 12.95 23.12
CA SER A 162 -5.57 12.75 22.34
C SER A 162 -5.65 13.87 21.30
N ASN A 163 -6.76 13.92 20.56
CA ASN A 163 -6.97 14.98 19.58
C ASN A 163 -7.21 16.32 20.27
N GLY A 164 -6.90 17.39 19.56
CA GLY A 164 -7.23 18.72 20.02
C GLY A 164 -6.16 19.33 20.89
N ASP A 165 -6.56 20.36 21.63
CA ASP A 165 -5.64 21.07 22.53
C ASP A 165 -5.68 20.44 23.91
N LYS A 166 -4.51 20.24 24.49
CA LYS A 166 -4.43 19.87 25.91
C LYS A 166 -4.80 21.08 26.74
N VAL A 167 -5.93 21.02 27.44
CA VAL A 167 -6.41 22.19 28.18
C VAL A 167 -6.26 22.06 29.68
N ASN A 168 -5.97 20.86 30.20
CA ASN A 168 -5.74 20.69 31.62
C ASN A 168 -4.84 19.49 31.86
N GLU A 169 -4.04 19.57 32.92
CA GLU A 169 -3.18 18.51 33.42
C GLU A 169 -3.30 18.51 34.94
N PHE A 170 -3.55 17.36 35.55
CA PHE A 170 -3.82 17.38 36.98
C PHE A 170 -3.34 16.10 37.63
N GLU A 171 -3.00 16.20 38.90
CA GLU A 171 -2.56 15.04 39.67
C GLU A 171 -3.76 14.37 40.32
N ILE A 172 -3.65 13.07 40.54
CA ILE A 172 -4.73 12.25 41.11
C ILE A 172 -4.16 11.44 42.26
N PRO A 173 -4.87 11.33 43.39
CA PRO A 173 -4.38 10.50 44.49
C PRO A 173 -4.05 9.08 44.06
N GLY A 174 -3.03 8.52 44.70
CA GLY A 174 -2.64 7.15 44.40
C GLY A 174 -1.66 7.01 43.25
N GLY A 175 -0.86 8.04 42.97
CA GLY A 175 0.14 7.94 41.95
C GLY A 175 -0.38 8.08 40.54
N ARG A 176 -1.56 8.65 40.35
CA ARG A 176 -2.16 8.81 39.04
C ARG A 176 -2.11 10.26 38.59
N HIS A 177 -2.50 10.47 37.34
CA HIS A 177 -2.57 11.81 36.80
C HIS A 177 -3.49 11.79 35.60
N GLY A 178 -3.94 12.98 35.20
CA GLY A 178 -4.89 13.10 34.10
C GLY A 178 -4.51 14.23 33.17
N ALA A 179 -5.06 14.16 31.95
CA ALA A 179 -4.96 15.23 30.99
C ALA A 179 -6.27 15.34 30.23
N ARG A 180 -6.73 16.57 30.01
CA ARG A 180 -7.96 16.85 29.30
C ARG A 180 -7.64 17.50 27.96
N PHE A 181 -8.26 16.99 26.90
CA PHE A 181 -8.05 17.42 25.52
C PHE A 181 -9.39 17.84 24.95
N ASN A 182 -9.49 19.09 24.49
CA ASN A 182 -10.71 19.59 23.87
C ASN A 182 -10.46 19.82 22.39
N ASP A 183 -11.34 19.26 21.55
CA ASP A 183 -11.20 19.32 20.10
C ASP A 183 -12.52 19.82 19.53
N PRO A 184 -12.71 21.13 19.45
CA PRO A 184 -14.02 21.69 19.09
C PRO A 184 -14.46 21.38 17.66
N PRO A 185 -13.58 21.40 16.65
CA PRO A 185 -14.07 21.15 15.29
C PRO A 185 -14.67 19.76 15.14
N LEU A 186 -15.75 19.68 14.36
CA LEU A 186 -16.43 18.40 14.17
C LEU A 186 -15.49 17.38 13.53
N LYS A 187 -15.67 16.11 13.90
CA LYS A 187 -14.92 15.05 13.23
C LYS A 187 -15.69 13.75 13.34
N PRO A 188 -15.49 12.81 12.41
CA PRO A 188 -16.04 11.47 12.58
C PRO A 188 -15.25 10.69 13.63
N CYS A 189 -15.92 9.70 14.26
CA CYS A 189 -15.30 9.01 15.38
C CYS A 189 -14.11 8.15 14.97
N TYR A 190 -13.98 7.77 13.69
CA TYR A 190 -12.83 6.95 13.33
C TYR A 190 -11.53 7.75 13.38
N LEU A 191 -11.60 9.07 13.47
CA LEU A 191 -10.40 9.89 13.61
C LEU A 191 -10.06 10.21 15.07
N PHE A 192 -10.88 9.76 16.02
CA PHE A 192 -10.51 9.82 17.42
C PHE A 192 -9.27 8.98 17.70
N ALA A 193 -8.39 9.49 18.58
CA ALA A 193 -7.29 8.65 19.03
C ALA A 193 -6.86 9.05 20.44
N VAL A 194 -6.27 8.08 21.13
CA VAL A 194 -5.67 8.31 22.43
C VAL A 194 -4.39 7.48 22.52
N VAL A 195 -3.38 8.05 23.17
CA VAL A 195 -2.09 7.39 23.39
C VAL A 195 -1.65 7.69 24.81
N ALA A 196 -1.20 6.67 25.53
CA ALA A 196 -0.61 6.87 26.84
C ALA A 196 0.66 6.03 26.92
N GLY A 197 1.74 6.61 27.42
CA GLY A 197 2.97 5.84 27.52
C GLY A 197 4.13 6.67 28.03
N ASP A 198 5.26 5.98 28.24
CA ASP A 198 6.51 6.62 28.63
C ASP A 198 7.26 7.04 27.36
N LEU A 199 6.65 7.99 26.64
CA LEU A 199 7.12 8.38 25.32
C LEU A 199 8.21 9.44 25.40
N LYS A 200 9.17 9.35 24.49
CA LYS A 200 10.20 10.37 24.30
C LYS A 200 10.01 10.97 22.92
N HIS A 201 10.53 12.18 22.69
CA HIS A 201 10.19 12.87 21.45
C HIS A 201 11.33 13.71 20.91
N LEU A 202 11.20 14.04 19.62
CA LEU A 202 11.84 15.18 18.99
C LEU A 202 10.76 16.17 18.57
N SER A 203 11.10 17.46 18.53
CA SER A 203 10.10 18.45 18.15
C SER A 203 10.71 19.56 17.33
N ALA A 204 9.87 20.22 16.54
CA ALA A 204 10.28 21.38 15.78
C ALA A 204 9.08 22.32 15.63
N THR A 205 9.35 23.52 15.17
CA THR A 205 8.31 24.50 14.89
C THR A 205 8.30 24.81 13.40
N TYR A 206 7.14 24.70 12.78
CA TYR A 206 6.95 24.95 11.36
C TYR A 206 6.07 26.19 11.21
N ILE A 207 6.49 27.13 10.38
CA ILE A 207 5.72 28.35 10.13
C ILE A 207 5.08 28.23 8.75
N THR A 208 3.76 28.31 8.70
CA THR A 208 3.06 28.08 7.44
C THR A 208 3.36 29.19 6.44
N LYS A 209 3.17 28.86 5.16
CA LYS A 209 3.69 29.69 4.07
C LYS A 209 2.92 31.00 3.93
N TYR A 210 1.62 31.02 4.21
CA TYR A 210 0.81 32.20 3.93
C TYR A 210 0.25 32.86 5.18
N THR A 211 -0.42 32.12 6.06
CA THR A 211 -0.91 32.70 7.30
C THR A 211 0.18 32.90 8.34
N LYS A 212 1.36 32.30 8.13
CA LYS A 212 2.49 32.42 9.06
C LYS A 212 2.13 31.91 10.45
N LYS A 213 1.21 30.95 10.51
CA LYS A 213 0.90 30.26 11.75
C LYS A 213 2.04 29.36 12.19
N LYS A 214 2.36 29.43 13.48
CA LYS A 214 3.34 28.54 14.10
C LYS A 214 2.68 27.20 14.40
N VAL A 215 3.24 26.11 13.87
CA VAL A 215 2.74 24.77 14.12
C VAL A 215 3.81 23.98 14.86
N GLU A 216 3.47 23.45 16.03
CA GLU A 216 4.38 22.61 16.80
C GLU A 216 4.31 21.20 16.22
N LEU A 217 5.47 20.63 15.89
CA LEU A 217 5.58 19.27 15.36
C LEU A 217 6.29 18.39 16.39
N TYR A 218 5.65 17.28 16.77
CA TYR A 218 6.21 16.34 17.72
C TYR A 218 6.22 14.93 17.13
N VAL A 219 7.33 14.22 17.31
CA VAL A 219 7.43 12.82 16.88
C VAL A 219 7.86 12.01 18.10
N PHE A 220 7.11 10.94 18.40
CA PHE A 220 7.25 10.19 19.65
C PHE A 220 7.61 8.73 19.37
N SER A 221 8.40 8.15 20.28
CA SER A 221 8.61 6.71 20.30
C SER A 221 8.88 6.27 21.73
N GLU A 222 9.00 4.97 21.95
CA GLU A 222 9.53 4.54 23.23
C GLU A 222 10.96 5.03 23.38
N GLU A 223 11.43 5.07 24.64
CA GLU A 223 12.73 5.69 24.93
C GLU A 223 13.87 5.01 24.19
N LYS A 224 13.82 3.69 24.07
CA LYS A 224 14.91 2.93 23.45
C LYS A 224 15.21 3.42 22.03
N TYR A 225 14.21 3.93 21.32
CA TYR A 225 14.36 4.20 19.89
C TYR A 225 14.23 5.68 19.53
N VAL A 226 14.36 6.57 20.52
CA VAL A 226 14.17 8.00 20.27
C VAL A 226 15.21 8.52 19.27
N SER A 227 16.38 7.87 19.19
CA SER A 227 17.39 8.27 18.21
C SER A 227 17.00 7.96 16.77
N LYS A 228 15.91 7.22 16.54
CA LYS A 228 15.48 6.87 15.19
C LYS A 228 14.36 7.78 14.67
N LEU A 229 14.12 8.92 15.33
CA LEU A 229 12.99 9.77 15.00
C LEU A 229 13.30 10.88 14.00
N GLN A 230 14.57 11.16 13.69
CA GLN A 230 14.88 12.41 13.00
C GLN A 230 14.39 12.45 11.57
N TRP A 231 14.51 11.34 10.83
CA TRP A 231 14.11 11.39 9.44
C TRP A 231 12.60 11.65 9.33
N ALA A 232 11.80 11.03 10.22
CA ALA A 232 10.36 11.25 10.21
C ALA A 232 10.02 12.72 10.34
N LEU A 233 10.70 13.41 11.26
CA LEU A 233 10.43 14.83 11.46
C LEU A 233 10.78 15.60 10.19
N GLU A 234 11.90 15.26 9.54
CA GLU A 234 12.25 15.93 8.29
C GLU A 234 11.20 15.67 7.23
N CYS A 235 10.73 14.42 7.12
CA CYS A 235 9.69 14.10 6.16
C CYS A 235 8.41 14.88 6.43
N LEU A 236 8.06 15.09 7.70
CA LEU A 236 6.84 15.83 7.99
C LEU A 236 6.98 17.26 7.51
N LYS A 237 8.13 17.88 7.78
CA LYS A 237 8.37 19.23 7.27
C LYS A 237 8.25 19.26 5.76
N LYS A 238 8.82 18.25 5.10
CA LYS A 238 8.77 18.19 3.65
C LYS A 238 7.34 18.06 3.15
N SER A 239 6.53 17.25 3.84
CA SER A 239 5.13 17.04 3.45
C SER A 239 4.35 18.33 3.54
N MET A 240 4.54 19.03 4.64
CA MET A 240 3.91 20.31 4.89
C MET A 240 4.25 21.29 3.78
N ALA A 241 5.53 21.37 3.42
CA ALA A 241 5.95 22.30 2.38
C ALA A 241 5.36 21.92 1.03
N PHE A 242 5.29 20.62 0.74
CA PHE A 242 4.80 20.22 -0.58
C PHE A 242 3.32 20.54 -0.74
N ASP A 243 2.50 20.29 0.29
CA ASP A 243 1.08 20.62 0.16
C ASP A 243 0.91 22.13 -0.02
N GLU A 244 1.75 22.93 0.66
CA GLU A 244 1.71 24.37 0.47
C GLU A 244 2.12 24.77 -0.95
N ASP A 245 3.17 24.13 -1.48
CA ASP A 245 3.77 24.58 -2.73
C ASP A 245 2.99 24.09 -3.95
N TYR A 246 2.60 22.81 -3.95
CA TYR A 246 1.87 22.27 -5.09
C TYR A 246 0.41 22.67 -5.03
N PHE A 247 -0.23 22.50 -3.87
CA PHE A 247 -1.68 22.64 -3.75
C PHE A 247 -2.11 23.92 -3.04
N GLY A 248 -1.18 24.70 -2.50
CA GLY A 248 -1.57 25.92 -1.81
C GLY A 248 -2.24 25.69 -0.47
N LEU A 249 -2.04 24.53 0.14
CA LEU A 249 -2.77 24.13 1.34
C LEU A 249 -1.86 24.14 2.55
N GLU A 250 -2.32 24.80 3.62
CA GLU A 250 -1.59 24.93 4.87
C GLU A 250 -2.28 24.12 5.96
N TYR A 251 -1.47 23.68 6.93
CA TYR A 251 -2.02 23.02 8.12
C TYR A 251 -2.76 24.05 8.96
N ASP A 252 -3.87 23.61 9.56
CA ASP A 252 -4.83 24.49 10.21
C ASP A 252 -4.76 24.45 11.74
N LEU A 253 -4.10 23.46 12.32
CA LEU A 253 -4.08 23.27 13.76
C LEU A 253 -2.75 23.71 14.37
N SER A 254 -2.73 23.87 15.69
CA SER A 254 -1.52 24.42 16.31
C SER A 254 -0.46 23.36 16.55
N ARG A 255 -0.79 22.08 16.44
CA ARG A 255 0.15 21.02 16.78
C ARG A 255 -0.18 19.79 15.96
N LEU A 256 0.87 19.05 15.62
CA LEU A 256 0.72 17.75 14.95
C LEU A 256 1.66 16.77 15.64
N ASN A 257 1.10 15.66 16.14
CA ASN A 257 1.85 14.61 16.82
C ASN A 257 1.93 13.39 15.93
N LEU A 258 3.13 12.80 15.82
CA LEU A 258 3.32 11.49 15.19
C LEU A 258 3.83 10.54 16.25
N VAL A 259 3.29 9.33 16.30
CA VAL A 259 3.63 8.38 17.37
C VAL A 259 3.91 7.01 16.76
N ALA A 260 5.06 6.41 17.11
CA ALA A 260 5.39 5.06 16.69
C ALA A 260 5.00 4.04 17.77
N VAL A 261 4.33 2.97 17.34
CA VAL A 261 4.06 1.82 18.19
C VAL A 261 4.53 0.56 17.49
N SER A 262 4.89 -0.45 18.28
CA SER A 262 5.50 -1.66 17.75
C SER A 262 4.47 -2.60 17.13
N ASP A 263 3.24 -2.59 17.62
CA ASP A 263 2.21 -3.54 17.20
C ASP A 263 1.15 -2.76 16.43
N PHE A 264 1.10 -2.95 15.12
CA PHE A 264 0.14 -2.21 14.30
C PHE A 264 -0.28 -3.08 13.13
N ASN A 265 -1.58 -3.06 12.82
CA ASN A 265 -2.09 -3.93 11.75
C ASN A 265 -1.61 -3.49 10.38
N VAL A 266 -1.37 -2.18 10.19
CA VAL A 266 -1.03 -1.69 8.85
C VAL A 266 0.18 -0.75 8.94
N GLY A 267 0.27 0.22 8.05
CA GLY A 267 1.40 1.16 8.07
C GLY A 267 1.22 2.35 8.99
N ALA A 268 0.09 3.06 8.89
CA ALA A 268 -0.15 4.20 9.75
C ALA A 268 -1.58 4.69 9.58
N MET A 269 -1.97 5.61 10.46
CA MET A 269 -3.34 6.10 10.66
C MET A 269 -3.37 7.60 10.83
N GLU A 270 -4.30 8.27 10.13
CA GLU A 270 -4.31 9.73 10.07
C GLU A 270 -5.17 10.38 11.15
N ASN A 271 -5.25 9.84 12.37
CA ASN A 271 -6.07 10.49 13.41
C ASN A 271 -5.70 11.96 13.54
N LYS A 272 -6.71 12.84 13.65
CA LYS A 272 -6.47 14.28 13.52
C LYS A 272 -5.54 14.79 14.60
N GLY A 273 -4.43 15.40 14.18
CA GLY A 273 -3.43 15.92 15.10
C GLY A 273 -2.62 14.87 15.83
N LEU A 274 -2.89 13.58 15.61
CA LEU A 274 -2.31 12.49 16.38
C LEU A 274 -2.18 11.28 15.45
N ASN A 275 -1.29 11.41 14.46
CA ASN A 275 -1.09 10.31 13.51
C ASN A 275 -0.31 9.19 14.20
N ILE A 276 -0.77 7.94 14.05
CA ILE A 276 -0.15 6.82 14.76
C ILE A 276 0.41 5.87 13.71
N PHE A 277 1.64 5.39 13.93
CA PHE A 277 2.42 4.69 12.92
C PHE A 277 2.86 3.33 13.44
N ASN A 278 2.78 2.32 12.58
CA ASN A 278 3.68 1.18 12.71
C ASN A 278 5.10 1.70 12.84
N ALA A 279 5.81 1.24 13.88
CA ALA A 279 7.19 1.69 14.05
C ALA A 279 8.02 1.47 12.79
N ASN A 280 7.74 0.41 12.00
CA ASN A 280 8.58 0.21 10.82
C ASN A 280 8.33 1.25 9.74
N SER A 281 7.32 2.11 9.90
CA SER A 281 7.02 3.16 8.95
C SER A 281 7.24 4.56 9.51
N LEU A 282 7.93 4.67 10.66
CA LEU A 282 8.30 5.96 11.23
C LEU A 282 9.76 6.02 11.66
N LEU A 283 10.32 4.92 12.14
CA LEU A 283 11.64 4.93 12.78
C LEU A 283 12.73 4.37 11.87
N ALA A 284 13.86 5.06 11.82
CA ALA A 284 15.01 4.59 11.06
C ALA A 284 16.28 5.27 11.58
N SER A 285 17.40 4.57 11.43
CA SER A 285 18.72 5.19 11.49
C SER A 285 19.61 4.48 10.49
N LYS A 286 20.66 5.17 10.03
CA LYS A 286 21.53 4.58 9.01
C LYS A 286 22.20 3.31 9.50
N LYS A 287 22.49 3.23 10.80
CA LYS A 287 23.14 2.04 11.34
C LYS A 287 22.19 0.87 11.52
N ASN A 288 20.88 1.13 11.64
CA ASN A 288 19.94 0.10 12.07
C ASN A 288 18.77 -0.09 11.14
N SER A 289 18.81 0.45 9.92
CA SER A 289 17.70 0.28 8.99
C SER A 289 18.25 0.03 7.59
N ILE A 290 17.52 -0.76 6.81
CA ILE A 290 17.86 -0.87 5.40
C ILE A 290 17.36 0.35 4.65
N ASP A 291 17.90 0.53 3.44
CA ASP A 291 17.63 1.71 2.64
C ASP A 291 16.14 1.91 2.42
N PHE A 292 15.40 0.81 2.22
CA PHE A 292 13.96 0.89 1.94
C PHE A 292 13.21 1.72 2.98
N SER A 293 13.67 1.72 4.23
CA SER A 293 12.97 2.44 5.30
C SER A 293 12.83 3.93 4.99
N TYR A 294 13.80 4.51 4.29
CA TYR A 294 13.80 5.94 4.10
C TYR A 294 12.68 6.37 3.15
N ALA A 295 12.53 5.67 2.01
CA ALA A 295 11.40 5.98 1.14
C ALA A 295 10.09 5.59 1.80
N ARG A 296 10.08 4.52 2.61
CA ARG A 296 8.85 4.10 3.28
C ARG A 296 8.37 5.17 4.25
N ILE A 297 9.28 5.68 5.09
CA ILE A 297 8.91 6.71 6.07
C ILE A 297 8.45 7.97 5.35
N LEU A 298 9.19 8.36 4.30
CA LEU A 298 8.80 9.54 3.55
C LEU A 298 7.37 9.40 3.00
N THR A 299 7.05 8.24 2.40
CA THR A 299 5.75 8.07 1.79
C THR A 299 4.66 7.97 2.85
N VAL A 300 4.95 7.30 3.97
CA VAL A 300 3.88 7.07 4.94
C VAL A 300 3.62 8.33 5.76
N VAL A 301 4.67 9.04 6.18
CA VAL A 301 4.47 10.33 6.83
C VAL A 301 3.73 11.27 5.89
N GLY A 302 4.16 11.32 4.63
CA GLY A 302 3.51 12.20 3.67
C GLY A 302 2.04 11.84 3.50
N HIS A 303 1.79 10.54 3.35
CA HIS A 303 0.43 10.05 3.16
C HIS A 303 -0.48 10.48 4.31
N GLU A 304 -0.07 10.22 5.55
CA GLU A 304 -0.94 10.61 6.67
C GLU A 304 -1.08 12.13 6.73
N TYR A 305 -0.03 12.89 6.40
CA TYR A 305 -0.19 14.34 6.43
C TYR A 305 -1.19 14.80 5.37
N PHE A 306 -1.13 14.24 4.16
CA PHE A 306 -2.01 14.68 3.08
C PHE A 306 -3.47 14.35 3.36
N HIS A 307 -3.72 13.33 4.20
CA HIS A 307 -5.10 13.09 4.67
C HIS A 307 -5.70 14.29 5.38
N GLN A 308 -4.90 15.18 5.97
CA GLN A 308 -5.50 16.26 6.75
C GLN A 308 -6.52 17.01 5.92
N TYR A 309 -6.23 17.21 4.63
CA TYR A 309 -7.25 17.72 3.72
C TYR A 309 -8.11 16.61 3.12
N THR A 310 -7.49 15.61 2.50
CA THR A 310 -8.23 14.61 1.73
C THR A 310 -8.55 13.43 2.66
N GLY A 311 -9.54 13.65 3.51
CA GLY A 311 -9.96 12.63 4.46
C GLY A 311 -10.42 13.25 5.77
N ASN A 312 -9.66 14.21 6.31
CA ASN A 312 -9.97 14.79 7.61
C ASN A 312 -10.77 16.09 7.50
N ARG A 313 -10.40 17.00 6.61
CA ARG A 313 -11.20 18.20 6.44
C ARG A 313 -12.34 17.99 5.45
N VAL A 314 -12.07 17.33 4.32
CA VAL A 314 -13.10 16.78 3.47
C VAL A 314 -13.23 15.30 3.80
N THR A 315 -14.39 14.91 4.33
CA THR A 315 -14.58 13.59 4.92
C THR A 315 -15.49 12.74 4.04
N LEU A 316 -15.66 11.48 4.46
CA LEU A 316 -16.49 10.51 3.75
C LEU A 316 -17.91 10.45 4.30
N ARG A 317 -18.88 10.38 3.39
CA ARG A 317 -20.27 10.17 3.79
C ARG A 317 -20.48 8.78 4.39
N ASP A 318 -19.79 7.79 3.83
CA ASP A 318 -20.01 6.39 4.12
C ASP A 318 -18.77 5.67 3.63
N TRP A 319 -18.61 4.40 4.04
CA TRP A 319 -17.37 3.70 3.73
C TRP A 319 -17.25 3.32 2.27
N PHE A 320 -18.35 3.32 1.51
CA PHE A 320 -18.23 3.01 0.09
C PHE A 320 -17.39 4.04 -0.65
N GLN A 321 -17.28 5.25 -0.11
CA GLN A 321 -16.43 6.28 -0.70
C GLN A 321 -14.98 6.17 -0.27
N LEU A 322 -14.54 5.04 0.31
CA LEU A 322 -13.17 4.94 0.82
C LEU A 322 -12.10 5.38 -0.19
N THR A 323 -12.25 5.01 -1.46
CA THR A 323 -11.21 5.37 -2.44
C THR A 323 -11.12 6.89 -2.63
N LEU A 324 -12.18 7.63 -2.33
CA LEU A 324 -12.09 9.08 -2.46
C LEU A 324 -11.07 9.68 -1.48
N LYS A 325 -10.93 9.10 -0.29
CA LYS A 325 -9.82 9.58 0.54
C LYS A 325 -8.56 8.75 0.36
N GLU A 326 -8.66 7.45 0.09
CA GLU A 326 -7.43 6.67 0.02
C GLU A 326 -6.76 6.77 -1.36
N GLY A 327 -7.51 6.53 -2.44
CA GLY A 327 -6.92 6.71 -3.75
C GLY A 327 -6.37 8.11 -3.97
N LEU A 328 -7.11 9.12 -3.49
CA LEU A 328 -6.66 10.49 -3.71
C LEU A 328 -5.44 10.81 -2.84
N THR A 329 -5.40 10.28 -1.62
CA THR A 329 -4.25 10.55 -0.78
C THR A 329 -3.03 9.77 -1.25
N VAL A 330 -3.20 8.55 -1.77
CA VAL A 330 -2.06 7.87 -2.38
C VAL A 330 -1.55 8.67 -3.56
N HIS A 331 -2.45 9.22 -4.38
CA HIS A 331 -2.03 10.04 -5.50
C HIS A 331 -1.24 11.26 -5.02
N ARG A 332 -1.74 11.94 -3.99
CA ARG A 332 -1.00 13.08 -3.45
C ARG A 332 0.35 12.65 -2.90
N GLU A 333 0.39 11.47 -2.28
CA GLU A 333 1.62 10.92 -1.72
C GLU A 333 2.59 10.56 -2.85
N ASN A 334 2.07 10.04 -3.98
CA ASN A 334 2.97 9.69 -5.09
C ASN A 334 3.55 10.95 -5.74
N LEU A 335 2.73 11.99 -5.93
CA LEU A 335 3.26 13.25 -6.44
C LEU A 335 4.38 13.77 -5.54
N PHE A 336 4.15 13.70 -4.22
CA PHE A 336 5.10 14.20 -3.25
C PHE A 336 6.41 13.41 -3.32
N SER A 337 6.32 12.08 -3.33
N SER A 337 6.30 12.08 -3.31
CA SER A 337 7.55 11.30 -3.29
CA SER A 337 7.48 11.21 -3.33
C SER A 337 8.31 11.37 -4.61
C SER A 337 8.29 11.44 -4.60
N GLU A 338 7.60 11.53 -5.74
CA GLU A 338 8.31 11.76 -7.00
C GLU A 338 9.11 13.07 -6.96
N GLU A 339 8.52 14.12 -6.38
CA GLU A 339 9.22 15.40 -6.30
C GLU A 339 10.38 15.35 -5.30
N MET A 340 10.20 14.63 -4.18
CA MET A 340 11.24 14.55 -3.15
C MET A 340 12.43 13.70 -3.59
N THR A 341 12.17 12.58 -4.28
CA THR A 341 13.26 11.66 -4.61
C THR A 341 13.99 12.08 -5.88
N LYS A 342 13.28 12.73 -6.80
CA LYS A 342 13.81 13.06 -8.13
C LYS A 342 14.48 11.85 -8.80
N THR A 343 13.88 10.68 -8.63
CA THR A 343 14.37 9.48 -9.30
C THR A 343 13.24 8.88 -10.12
N VAL A 344 13.54 8.41 -11.34
CA VAL A 344 12.50 7.82 -12.17
C VAL A 344 11.98 6.51 -11.57
N THR A 345 12.77 5.84 -10.73
CA THR A 345 12.31 4.57 -10.19
C THR A 345 11.17 4.72 -9.20
N THR A 346 10.92 5.93 -8.69
CA THR A 346 9.80 6.12 -7.78
C THR A 346 8.48 5.81 -8.48
N ARG A 347 8.23 6.44 -9.62
CA ARG A 347 7.04 6.12 -10.39
C ARG A 347 7.07 4.66 -10.87
N LEU A 348 8.24 4.19 -11.35
CA LEU A 348 8.29 2.81 -11.82
C LEU A 348 7.93 1.83 -10.70
N SER A 349 8.33 2.14 -9.47
CA SER A 349 8.05 1.19 -8.38
C SER A 349 6.55 1.10 -8.09
N HIS A 350 5.83 2.23 -8.21
CA HIS A 350 4.38 2.22 -8.04
CA HIS A 350 4.39 2.16 -8.02
C HIS A 350 3.70 1.40 -9.16
N VAL A 351 4.15 1.59 -10.39
CA VAL A 351 3.58 0.81 -11.50
C VAL A 351 3.87 -0.67 -11.30
N ASP A 352 5.09 -0.98 -10.85
CA ASP A 352 5.50 -2.36 -10.69
C ASP A 352 4.60 -3.05 -9.67
N LEU A 353 4.26 -2.34 -8.60
CA LEU A 353 3.36 -2.91 -7.61
C LEU A 353 1.94 -3.06 -8.17
N LEU A 354 1.43 -2.04 -8.85
CA LEU A 354 0.08 -2.13 -9.41
C LEU A 354 -0.05 -3.32 -10.36
N ARG A 355 0.86 -3.43 -11.34
CA ARG A 355 0.69 -4.45 -12.38
C ARG A 355 1.00 -5.84 -11.89
N SER A 356 1.65 -5.99 -10.74
CA SER A 356 1.80 -7.33 -10.16
C SER A 356 0.64 -7.57 -9.20
N VAL A 357 0.66 -6.90 -8.05
CA VAL A 357 -0.27 -7.21 -6.96
C VAL A 357 -1.71 -6.84 -7.31
N GLN A 358 -1.93 -5.62 -7.81
CA GLN A 358 -3.31 -5.21 -8.01
C GLN A 358 -3.92 -5.86 -9.26
N PHE A 359 -3.15 -6.02 -10.34
CA PHE A 359 -3.68 -6.75 -11.50
C PHE A 359 -4.04 -8.18 -11.12
N LEU A 360 -3.22 -8.84 -10.31
CA LEU A 360 -3.59 -10.17 -9.82
C LEU A 360 -4.94 -10.13 -9.09
N GLU A 361 -5.09 -9.19 -8.15
CA GLU A 361 -6.37 -9.05 -7.44
C GLU A 361 -7.52 -8.85 -8.43
N ASP A 362 -7.31 -8.03 -9.46
CA ASP A 362 -8.41 -7.66 -10.36
C ASP A 362 -8.79 -8.79 -11.31
N SER A 363 -7.95 -9.82 -11.47
CA SER A 363 -8.35 -10.98 -12.26
C SER A 363 -8.66 -12.20 -11.38
N SER A 364 -8.72 -12.01 -10.06
CA SER A 364 -9.01 -13.06 -9.09
C SER A 364 -10.49 -13.07 -8.77
N PRO A 365 -10.99 -14.11 -8.09
CA PRO A 365 -12.39 -14.09 -7.64
C PRO A 365 -12.70 -12.92 -6.71
N LEU A 366 -11.69 -12.25 -6.16
CA LEU A 366 -11.90 -11.10 -5.28
C LEU A 366 -12.12 -9.79 -6.04
N SER A 367 -12.04 -9.80 -7.37
CA SER A 367 -12.09 -8.57 -8.16
C SER A 367 -13.29 -7.70 -7.78
N HIS A 368 -13.03 -6.40 -7.64
CA HIS A 368 -14.04 -5.40 -7.29
C HIS A 368 -13.63 -4.08 -7.91
N PRO A 369 -14.58 -3.17 -8.11
CA PRO A 369 -14.22 -1.81 -8.56
C PRO A 369 -13.70 -1.01 -7.37
N ILE A 370 -13.13 0.16 -7.67
CA ILE A 370 -12.54 0.96 -6.60
C ILE A 370 -13.62 1.51 -5.67
N ARG A 371 -14.88 1.55 -6.12
CA ARG A 371 -16.02 1.82 -5.25
C ARG A 371 -16.97 0.62 -5.30
N PRO A 372 -16.81 -0.33 -4.41
CA PRO A 372 -17.64 -1.54 -4.46
C PRO A 372 -19.08 -1.22 -4.13
N GLU A 373 -19.95 -2.17 -4.45
CA GLU A 373 -21.38 -2.01 -4.29
C GLU A 373 -21.87 -2.54 -2.94
N SER A 374 -21.04 -3.29 -2.24
CA SER A 374 -21.44 -3.99 -1.04
C SER A 374 -20.21 -4.39 -0.24
N TYR A 375 -20.40 -4.59 1.06
CA TYR A 375 -19.37 -5.21 1.88
C TYR A 375 -20.02 -5.94 3.04
N VAL A 376 -19.28 -6.89 3.59
CA VAL A 376 -19.62 -7.57 4.84
C VAL A 376 -18.67 -7.15 5.95
N SER A 377 -17.37 -7.36 5.75
CA SER A 377 -16.36 -6.99 6.71
C SER A 377 -15.72 -5.68 6.24
N MET A 378 -15.77 -4.65 7.09
CA MET A 378 -15.04 -3.41 6.75
C MET A 378 -13.54 -3.61 6.79
N GLU A 379 -13.05 -4.50 7.65
CA GLU A 379 -11.61 -4.71 7.73
C GLU A 379 -11.07 -5.27 6.43
N ASN A 380 -11.86 -6.13 5.75
CA ASN A 380 -11.49 -6.68 4.45
C ASN A 380 -11.65 -5.70 3.29
N PHE A 381 -12.29 -4.54 3.54
CA PHE A 381 -12.56 -3.56 2.48
C PHE A 381 -11.33 -2.82 2.01
N TYR A 382 -10.26 -2.78 2.80
CA TYR A 382 -9.05 -2.04 2.50
C TYR A 382 -8.19 -2.89 1.58
N THR A 383 -8.07 -2.48 0.30
CA THR A 383 -7.46 -3.33 -0.72
C THR A 383 -6.59 -2.52 -1.66
N THR A 384 -5.63 -3.21 -2.29
CA THR A 384 -4.81 -2.55 -3.29
C THR A 384 -5.66 -2.00 -4.44
N THR A 385 -6.82 -2.59 -4.72
CA THR A 385 -7.68 -2.00 -5.72
C THR A 385 -8.14 -0.62 -5.27
N VAL A 386 -8.69 -0.53 -4.04
CA VAL A 386 -9.18 0.76 -3.56
C VAL A 386 -8.05 1.78 -3.46
N TYR A 387 -6.88 1.34 -3.03
CA TYR A 387 -5.77 2.26 -2.81
C TYR A 387 -5.02 2.59 -4.10
N ASP A 388 -4.51 1.57 -4.76
CA ASP A 388 -3.55 1.79 -5.84
C ASP A 388 -4.21 1.96 -7.19
N LYS A 389 -5.20 1.13 -7.54
CA LYS A 389 -5.98 1.48 -8.71
C LYS A 389 -6.71 2.80 -8.47
N GLY A 390 -7.23 2.99 -7.25
CA GLY A 390 -7.79 4.30 -6.91
C GLY A 390 -6.83 5.44 -7.19
N SER A 391 -5.57 5.29 -6.81
N SER A 391 -5.57 5.29 -6.80
CA SER A 391 -4.60 6.36 -7.04
CA SER A 391 -4.59 6.35 -7.05
C SER A 391 -4.36 6.58 -8.54
C SER A 391 -4.38 6.58 -8.54
N GLU A 392 -4.35 5.50 -9.33
CA GLU A 392 -4.15 5.66 -10.77
C GLU A 392 -5.37 6.32 -11.40
N VAL A 393 -6.56 6.03 -10.89
CA VAL A 393 -7.76 6.74 -11.34
C VAL A 393 -7.69 8.21 -10.95
N MET A 394 -7.18 8.51 -9.76
CA MET A 394 -7.04 9.94 -9.46
C MET A 394 -5.92 10.60 -10.24
N ARG A 395 -4.86 9.86 -10.56
CA ARG A 395 -3.78 10.43 -11.37
C ARG A 395 -4.22 10.71 -12.81
N MET A 396 -5.10 9.88 -13.39
CA MET A 396 -5.52 10.13 -14.77
C MET A 396 -6.18 11.49 -14.92
N TYR A 397 -6.84 12.00 -13.86
CA TYR A 397 -7.38 13.36 -13.92
C TYR A 397 -6.28 14.36 -14.20
N LEU A 398 -5.13 14.18 -13.57
CA LEU A 398 -4.02 15.11 -13.77
C LEU A 398 -3.43 14.95 -15.18
N THR A 399 -3.28 13.71 -15.65
CA THR A 399 -2.86 13.50 -17.03
C THR A 399 -3.81 14.19 -18.02
N ILE A 400 -5.11 14.01 -17.84
CA ILE A 400 -6.11 14.55 -18.78
C ILE A 400 -6.10 16.07 -18.76
N LEU A 401 -6.01 16.66 -17.57
CA LEU A 401 -6.18 18.09 -17.41
C LEU A 401 -4.88 18.89 -17.57
N GLY A 402 -3.73 18.26 -17.32
CA GLY A 402 -2.51 19.02 -17.18
C GLY A 402 -2.42 19.67 -15.82
N GLU A 403 -1.20 20.03 -15.40
CA GLU A 403 -0.98 20.51 -14.04
C GLU A 403 -1.84 21.72 -13.70
N GLU A 404 -1.89 22.71 -14.59
CA GLU A 404 -2.53 23.98 -14.25
C GLU A 404 -4.01 23.78 -13.99
N TYR A 405 -4.70 23.08 -14.90
CA TYR A 405 -6.13 22.88 -14.74
C TYR A 405 -6.44 21.80 -13.70
N TYR A 406 -5.56 20.81 -13.53
CA TYR A 406 -5.76 19.88 -12.41
C TYR A 406 -5.74 20.64 -11.08
N LYS A 407 -4.76 21.52 -10.90
CA LYS A 407 -4.72 22.30 -9.66
C LYS A 407 -5.97 23.15 -9.47
N LYS A 408 -6.51 23.69 -10.56
CA LYS A 408 -7.75 24.47 -10.47
C LYS A 408 -8.91 23.59 -10.06
N GLY A 409 -9.05 22.42 -10.67
CA GLY A 409 -10.13 21.52 -10.30
C GLY A 409 -9.99 21.00 -8.88
N PHE A 410 -8.75 20.69 -8.48
CA PHE A 410 -8.54 20.19 -7.12
C PHE A 410 -8.93 21.24 -6.09
N ASP A 411 -8.59 22.51 -6.36
CA ASP A 411 -8.95 23.56 -5.41
C ASP A 411 -10.45 23.79 -5.38
N ILE A 412 -11.13 23.65 -6.53
CA ILE A 412 -12.60 23.68 -6.55
C ILE A 412 -13.16 22.61 -5.60
N TYR A 413 -12.58 21.41 -5.64
CA TYR A 413 -13.03 20.33 -4.77
C TYR A 413 -12.82 20.67 -3.30
N ILE A 414 -11.65 21.22 -2.97
CA ILE A 414 -11.35 21.52 -1.56
C ILE A 414 -12.23 22.65 -1.06
N LYS A 415 -12.35 23.73 -1.84
CA LYS A 415 -13.09 24.89 -1.36
C LYS A 415 -14.57 24.55 -1.20
N LYS A 416 -15.11 23.70 -2.06
CA LYS A 416 -16.54 23.48 -2.04
C LYS A 416 -16.93 22.50 -0.94
N ASN A 417 -16.02 21.59 -0.56
CA ASN A 417 -16.34 20.50 0.36
C ASN A 417 -15.60 20.57 1.68
N ASP A 418 -14.72 21.55 1.87
CA ASP A 418 -14.01 21.72 3.13
C ASP A 418 -14.99 21.75 4.29
N GLY A 419 -14.74 20.92 5.29
CA GLY A 419 -15.65 20.87 6.43
C GLY A 419 -16.88 20.02 6.23
N ASN A 420 -17.05 19.38 5.07
CA ASN A 420 -18.23 18.57 4.79
C ASN A 420 -17.82 17.17 4.34
N THR A 421 -18.78 16.26 4.37
CA THR A 421 -18.60 14.95 3.76
C THR A 421 -18.65 15.09 2.25
N ALA A 422 -18.09 14.11 1.54
CA ALA A 422 -18.14 14.13 0.09
C ALA A 422 -18.20 12.71 -0.44
N THR A 423 -18.47 12.61 -1.73
CA THR A 423 -18.59 11.34 -2.44
C THR A 423 -17.72 11.42 -3.69
N CYS A 424 -17.50 10.25 -4.32
CA CYS A 424 -16.70 10.23 -5.53
C CYS A 424 -17.29 11.12 -6.61
N GLU A 425 -18.61 11.24 -6.65
CA GLU A 425 -19.26 12.10 -7.65
C GLU A 425 -18.84 13.55 -7.48
N ASP A 426 -18.73 14.01 -6.23
CA ASP A 426 -18.31 15.39 -5.96
C ASP A 426 -16.95 15.69 -6.58
N PHE A 427 -16.00 14.78 -6.40
CA PHE A 427 -14.67 14.97 -7.00
C PHE A 427 -14.76 14.99 -8.51
N ASN A 428 -15.49 14.04 -9.10
CA ASN A 428 -15.62 14.03 -10.55
C ASN A 428 -16.22 15.34 -11.03
N TYR A 429 -17.19 15.90 -10.29
CA TYR A 429 -17.81 17.15 -10.69
C TYR A 429 -16.81 18.29 -10.71
N ALA A 430 -15.95 18.36 -9.69
CA ALA A 430 -14.92 19.40 -9.67
C ALA A 430 -13.94 19.23 -10.82
N MET A 431 -13.51 18.01 -11.10
CA MET A 431 -12.65 17.79 -12.26
C MET A 431 -13.37 18.13 -13.55
N GLU A 432 -14.68 17.87 -13.61
CA GLU A 432 -15.42 18.19 -14.82
C GLU A 432 -15.43 19.69 -15.08
N GLN A 433 -15.50 20.50 -14.01
CA GLN A 433 -15.49 21.95 -14.20
C GLN A 433 -14.17 22.41 -14.78
N ALA A 434 -13.05 21.88 -14.28
CA ALA A 434 -11.76 22.16 -14.90
C ALA A 434 -11.70 21.64 -16.33
N TYR A 435 -12.38 20.54 -16.60
CA TYR A 435 -12.37 19.98 -17.95
C TYR A 435 -13.09 20.91 -18.92
N LYS A 436 -14.22 21.46 -18.50
CA LYS A 436 -14.93 22.46 -19.29
C LYS A 436 -14.04 23.64 -19.59
N MET A 437 -13.31 24.12 -18.57
CA MET A 437 -12.43 25.26 -18.77
C MET A 437 -11.33 24.93 -19.76
N LYS A 438 -10.72 23.75 -19.62
N LYS A 438 -10.70 23.76 -19.61
CA LYS A 438 -9.58 23.40 -20.47
CA LYS A 438 -9.58 23.41 -20.48
C LYS A 438 -9.99 23.25 -21.93
C LYS A 438 -10.02 23.31 -21.93
N LYS A 439 -11.13 22.60 -22.19
CA LYS A 439 -11.60 22.45 -23.56
C LYS A 439 -12.35 23.67 -24.08
N ALA A 440 -12.50 24.71 -23.27
CA ALA A 440 -13.27 25.90 -23.64
C ALA A 440 -14.63 25.51 -24.22
N ASP A 441 -15.35 24.72 -23.44
CA ASP A 441 -16.52 24.00 -23.95
C ASP A 441 -17.37 23.61 -22.74
N ASN A 442 -18.37 24.43 -22.42
CA ASN A 442 -19.22 24.11 -21.28
C ASN A 442 -20.11 22.92 -21.57
N SER A 443 -20.10 22.42 -22.81
CA SER A 443 -20.76 21.17 -23.15
C SER A 443 -19.90 19.94 -22.87
N ALA A 444 -18.60 20.12 -22.62
CA ALA A 444 -17.75 18.98 -22.28
C ALA A 444 -18.14 18.39 -20.93
N ASN A 445 -17.94 17.10 -20.77
CA ASN A 445 -18.33 16.44 -19.54
C ASN A 445 -17.47 15.20 -19.31
N LEU A 446 -17.48 14.73 -18.06
CA LEU A 446 -16.75 13.53 -17.66
C LEU A 446 -17.71 12.46 -17.14
N ASN A 447 -18.93 12.43 -17.67
CA ASN A 447 -19.88 11.41 -17.24
C ASN A 447 -19.32 10.01 -17.46
N GLN A 448 -18.69 9.78 -18.61
CA GLN A 448 -18.08 8.47 -18.88
C GLN A 448 -16.99 8.14 -17.88
N TYR A 449 -16.30 9.16 -17.36
CA TYR A 449 -15.21 8.89 -16.42
C TYR A 449 -15.69 8.14 -15.19
N LEU A 450 -16.95 8.31 -14.81
CA LEU A 450 -17.47 7.66 -13.61
C LEU A 450 -17.39 6.15 -13.69
N LEU A 451 -17.32 5.58 -14.88
CA LEU A 451 -17.17 4.14 -14.99
C LEU A 451 -15.89 3.62 -14.35
N TRP A 452 -14.86 4.48 -14.23
CA TRP A 452 -13.66 4.05 -13.51
C TRP A 452 -13.95 3.71 -12.06
N PHE A 453 -15.03 4.26 -11.48
CA PHE A 453 -15.34 3.98 -10.09
C PHE A 453 -16.18 2.73 -9.93
N SER A 454 -16.98 2.39 -10.95
CA SER A 454 -17.96 1.33 -10.86
C SER A 454 -17.57 0.05 -11.57
N GLN A 455 -16.69 0.11 -12.56
CA GLN A 455 -16.37 -1.07 -13.39
C GLN A 455 -15.14 -1.78 -12.85
N SER A 456 -15.26 -3.07 -12.58
CA SER A 456 -14.10 -3.82 -12.09
C SER A 456 -13.34 -4.41 -13.27
N GLY A 457 -12.14 -4.91 -13.00
CA GLY A 457 -11.34 -5.55 -14.01
C GLY A 457 -10.38 -4.59 -14.69
N THR A 458 -9.32 -5.16 -15.26
CA THR A 458 -8.28 -4.38 -15.92
C THR A 458 -8.56 -4.28 -17.41
N PRO A 459 -8.70 -3.08 -17.98
CA PRO A 459 -8.87 -3.00 -19.43
C PRO A 459 -7.61 -3.45 -20.14
N HIS A 460 -7.80 -4.02 -21.33
CA HIS A 460 -6.72 -4.35 -22.26
C HIS A 460 -6.76 -3.35 -23.41
N VAL A 461 -5.63 -2.73 -23.72
CA VAL A 461 -5.54 -1.77 -24.82
C VAL A 461 -4.51 -2.28 -25.81
N SER A 462 -4.91 -2.40 -27.07
CA SER A 462 -4.06 -2.98 -28.10
C SER A 462 -4.00 -2.03 -29.30
N PHE A 463 -2.98 -2.22 -30.13
CA PHE A 463 -2.63 -1.23 -31.15
C PHE A 463 -2.33 -1.90 -32.47
N LYS A 464 -2.65 -1.18 -33.55
CA LYS A 464 -2.11 -1.44 -34.88
C LYS A 464 -1.69 -0.11 -35.52
N TYR A 465 -0.75 -0.17 -36.46
CA TYR A 465 -0.16 1.04 -37.02
C TYR A 465 -0.20 1.00 -38.54
N ASN A 466 -0.24 2.19 -39.13
CA ASN A 466 -0.11 2.31 -40.57
C ASN A 466 0.71 3.56 -40.86
N TYR A 467 1.64 3.46 -41.80
CA TYR A 467 2.42 4.62 -42.23
C TYR A 467 2.44 4.66 -43.75
N ASP A 468 2.04 5.80 -44.30
CA ASP A 468 2.12 6.08 -45.73
C ASP A 468 3.29 7.03 -45.97
N ALA A 469 4.38 6.50 -46.52
CA ALA A 469 5.59 7.30 -46.70
C ALA A 469 5.35 8.48 -47.62
N GLU A 470 4.59 8.27 -48.70
CA GLU A 470 4.36 9.34 -49.66
C GLU A 470 3.51 10.44 -49.03
N LYS A 471 2.45 10.07 -48.31
CA LYS A 471 1.58 11.05 -47.67
C LYS A 471 2.17 11.63 -46.39
N LYS A 472 3.26 11.05 -45.87
CA LYS A 472 3.79 11.43 -44.57
C LYS A 472 2.69 11.37 -43.50
N GLN A 473 1.92 10.28 -43.53
CA GLN A 473 0.73 10.19 -42.70
C GLN A 473 0.80 8.91 -41.86
N TYR A 474 0.65 9.06 -40.56
CA TYR A 474 0.82 7.99 -39.60
C TYR A 474 -0.48 7.78 -38.84
N SER A 475 -0.85 6.51 -38.62
CA SER A 475 -2.09 6.17 -37.95
C SER A 475 -1.82 5.20 -36.81
N ILE A 476 -2.42 5.47 -35.65
CA ILE A 476 -2.43 4.55 -34.53
C ILE A 476 -3.87 4.11 -34.33
N HIS A 477 -4.15 2.83 -34.59
CA HIS A 477 -5.48 2.27 -34.33
CA HIS A 477 -5.47 2.25 -34.35
C HIS A 477 -5.45 1.61 -32.96
N VAL A 478 -6.40 2.00 -32.12
CA VAL A 478 -6.44 1.59 -30.72
C VAL A 478 -7.76 0.87 -30.44
N ASN A 479 -7.68 -0.21 -29.66
CA ASN A 479 -8.87 -0.93 -29.23
C ASN A 479 -8.78 -1.13 -27.72
N GLN A 480 -9.92 -1.07 -27.02
CA GLN A 480 -9.96 -1.41 -25.61
C GLN A 480 -10.99 -2.51 -25.37
N TYR A 481 -10.75 -3.29 -24.32
CA TYR A 481 -11.57 -4.44 -24.00
C TYR A 481 -11.37 -4.76 -22.53
N THR A 482 -12.46 -4.98 -21.80
CA THR A 482 -12.39 -5.47 -20.42
C THR A 482 -13.14 -6.79 -20.37
N LYS A 483 -12.50 -7.81 -19.80
CA LYS A 483 -13.11 -9.14 -19.73
C LYS A 483 -14.32 -9.10 -18.81
N PRO A 484 -15.45 -9.69 -19.19
CA PRO A 484 -16.60 -9.80 -18.27
C PRO A 484 -16.19 -10.51 -16.98
N ASP A 485 -16.83 -10.16 -15.88
CA ASP A 485 -16.56 -10.86 -14.62
C ASP A 485 -17.86 -10.94 -13.81
N GLU A 486 -17.75 -11.14 -12.50
CA GLU A 486 -18.93 -11.28 -11.66
C GLU A 486 -19.63 -9.95 -11.38
N ASN A 487 -18.98 -8.82 -11.64
CA ASN A 487 -19.57 -7.52 -11.34
C ASN A 487 -20.30 -6.90 -12.52
N GLN A 488 -19.81 -7.13 -13.74
CA GLN A 488 -20.51 -6.69 -14.94
C GLN A 488 -20.41 -7.78 -16.00
N LYS A 489 -21.56 -8.24 -16.48
CA LYS A 489 -21.57 -9.17 -17.62
C LYS A 489 -21.15 -8.48 -18.90
N GLU A 490 -21.48 -7.19 -19.03
CA GLU A 490 -21.12 -6.41 -20.21
C GLU A 490 -20.31 -5.21 -19.72
N LYS A 491 -19.10 -5.07 -20.24
CA LYS A 491 -18.18 -4.02 -19.80
C LYS A 491 -18.25 -2.86 -20.78
N LYS A 492 -18.38 -1.67 -20.27
CA LYS A 492 -18.49 -0.54 -21.17
C LYS A 492 -17.11 0.05 -21.46
N PRO A 493 -16.94 0.71 -22.61
CA PRO A 493 -15.66 1.38 -22.88
C PRO A 493 -15.42 2.50 -21.89
N LEU A 494 -14.17 2.64 -21.47
CA LEU A 494 -13.79 3.66 -20.50
C LEU A 494 -13.18 4.85 -21.22
N PHE A 495 -13.09 5.95 -20.48
CA PHE A 495 -12.32 7.12 -20.91
C PHE A 495 -10.85 6.85 -20.58
N ILE A 496 -10.05 6.55 -21.60
CA ILE A 496 -8.68 6.10 -21.40
C ILE A 496 -7.74 7.16 -21.97
N PRO A 497 -6.98 7.87 -21.13
CA PRO A 497 -6.01 8.85 -21.67
C PRO A 497 -4.71 8.17 -22.02
N ILE A 498 -4.22 8.34 -23.25
CA ILE A 498 -3.03 7.63 -23.74
C ILE A 498 -1.98 8.69 -24.05
N SER A 499 -1.06 8.90 -23.10
N SER A 499 -1.06 8.90 -23.10
CA SER A 499 0.03 9.84 -23.33
CA SER A 499 0.06 9.80 -23.32
C SER A 499 1.02 9.24 -24.30
C SER A 499 1.02 9.16 -24.32
N VAL A 500 1.27 9.93 -25.41
N VAL A 500 1.32 9.88 -25.41
CA VAL A 500 2.06 9.35 -26.50
CA VAL A 500 2.04 9.28 -26.53
C VAL A 500 3.19 10.27 -26.91
C VAL A 500 3.12 10.22 -27.03
N GLY A 501 4.24 9.64 -27.44
CA GLY A 501 5.23 10.34 -28.25
C GLY A 501 5.46 9.51 -29.50
N LEU A 502 6.13 10.13 -30.48
CA LEU A 502 6.54 9.43 -31.68
C LEU A 502 8.05 9.63 -31.83
N ILE A 503 8.80 8.54 -31.81
CA ILE A 503 10.26 8.59 -31.82
C ILE A 503 10.74 8.38 -33.25
N ASN A 504 11.59 9.27 -33.71
CA ASN A 504 12.24 9.10 -35.01
C ASN A 504 13.29 8.01 -34.85
N PRO A 505 13.18 6.87 -35.54
CA PRO A 505 14.13 5.78 -35.30
C PRO A 505 15.54 6.09 -35.79
N GLU A 506 15.71 7.12 -36.63
CA GLU A 506 17.04 7.41 -37.16
C GLU A 506 17.87 8.24 -36.20
N ASN A 507 17.26 9.13 -35.42
CA ASN A 507 18.02 9.98 -34.51
C ASN A 507 17.49 9.97 -33.08
N GLY A 508 16.44 9.20 -32.79
CA GLY A 508 15.91 9.09 -31.45
C GLY A 508 15.14 10.30 -30.95
N LYS A 509 14.82 11.25 -31.82
CA LYS A 509 14.24 12.51 -31.37
C LYS A 509 12.71 12.45 -31.38
N GLU A 510 12.08 13.36 -30.63
CA GLU A 510 10.64 13.49 -30.61
C GLU A 510 10.13 14.05 -31.93
N MET A 511 9.03 13.47 -32.44
CA MET A 511 8.46 13.90 -33.71
C MET A 511 7.22 14.75 -33.56
N ILE A 512 6.56 14.71 -32.40
CA ILE A 512 5.41 15.56 -32.11
C ILE A 512 5.58 16.14 -30.72
N SER A 513 4.80 17.21 -30.45
CA SER A 513 4.69 17.78 -29.11
C SER A 513 3.95 16.82 -28.19
N GLN A 514 3.95 17.15 -26.89
CA GLN A 514 3.29 16.30 -25.92
C GLN A 514 1.82 16.16 -26.30
N THR A 515 1.33 14.93 -26.26
CA THR A 515 0.02 14.59 -26.82
C THR A 515 -0.61 13.51 -25.96
N THR A 516 -1.86 13.72 -25.56
CA THR A 516 -2.62 12.74 -24.79
C THR A 516 -3.83 12.37 -25.63
N LEU A 517 -3.85 11.14 -26.16
CA LEU A 517 -5.00 10.68 -26.90
C LEU A 517 -6.14 10.38 -25.92
N GLU A 518 -7.34 10.84 -26.24
CA GLU A 518 -8.50 10.57 -25.38
C GLU A 518 -9.32 9.49 -26.07
N LEU A 519 -9.08 8.24 -25.68
CA LEU A 519 -9.85 7.12 -26.21
C LEU A 519 -11.13 6.98 -25.39
N THR A 520 -12.28 7.16 -26.04
CA THR A 520 -13.57 7.10 -25.37
C THR A 520 -14.50 6.05 -25.96
N LYS A 521 -14.11 5.39 -27.04
CA LYS A 521 -14.91 4.37 -27.70
C LYS A 521 -14.21 3.02 -27.57
N GLU A 522 -14.89 1.95 -28.00
CA GLU A 522 -14.20 0.66 -27.95
C GLU A 522 -12.99 0.64 -28.88
N SER A 523 -13.00 1.49 -29.91
CA SER A 523 -11.86 1.56 -30.80
C SER A 523 -11.86 2.92 -31.48
N ASP A 524 -10.67 3.38 -31.85
CA ASP A 524 -10.53 4.65 -32.56
C ASP A 524 -9.24 4.63 -33.37
N THR A 525 -9.18 5.46 -34.42
CA THR A 525 -7.96 5.62 -35.19
C THR A 525 -7.50 7.08 -35.05
N PHE A 526 -6.26 7.26 -34.59
CA PHE A 526 -5.63 8.57 -34.41
C PHE A 526 -4.61 8.77 -35.52
N VAL A 527 -4.81 9.79 -36.35
CA VAL A 527 -4.01 10.03 -37.54
C VAL A 527 -3.15 11.26 -37.31
N PHE A 528 -1.91 11.20 -37.77
CA PHE A 528 -0.95 12.30 -37.65
C PHE A 528 -0.39 12.60 -39.03
N ASN A 529 -0.46 13.86 -39.43
CA ASN A 529 0.08 14.27 -40.72
C ASN A 529 1.47 14.85 -40.53
N ASN A 530 2.15 15.07 -41.67
CA ASN A 530 3.48 15.66 -41.68
C ASN A 530 4.42 14.90 -40.74
N ILE A 531 4.35 13.57 -40.81
CA ILE A 531 5.27 12.66 -40.13
C ILE A 531 6.28 12.20 -41.16
N ALA A 532 7.52 12.69 -41.04
CA ALA A 532 8.46 12.66 -42.15
C ALA A 532 9.00 11.27 -42.43
N VAL A 533 9.06 10.41 -41.42
CA VAL A 533 9.57 9.05 -41.53
C VAL A 533 8.73 8.18 -40.62
N LYS A 534 8.79 6.87 -40.83
CA LYS A 534 7.97 5.96 -40.02
C LYS A 534 8.46 5.99 -38.58
N PRO A 535 7.62 6.37 -37.62
CA PRO A 535 8.09 6.48 -36.24
C PRO A 535 8.01 5.12 -35.53
N ILE A 536 8.61 5.10 -34.35
CA ILE A 536 8.29 4.09 -33.34
C ILE A 536 7.43 4.77 -32.28
N PRO A 537 6.21 4.29 -32.03
CA PRO A 537 5.35 4.95 -31.06
C PRO A 537 5.75 4.64 -29.61
N SER A 538 5.70 5.67 -28.78
CA SER A 538 6.01 5.63 -27.36
C SER A 538 4.66 5.78 -26.67
N LEU A 539 4.09 4.66 -26.22
CA LEU A 539 2.68 4.61 -25.81
C LEU A 539 2.51 4.48 -24.31
N PHE A 540 1.51 5.21 -23.79
CA PHE A 540 1.18 5.24 -22.36
C PHE A 540 2.36 5.77 -21.53
N ARG A 541 3.00 6.84 -22.00
CA ARG A 541 4.09 7.44 -21.25
C ARG A 541 3.67 7.75 -19.81
N GLY A 542 4.59 7.51 -18.88
CA GLY A 542 4.32 7.60 -17.45
C GLY A 542 3.34 6.58 -16.92
N PHE A 543 3.01 5.56 -17.73
CA PHE A 543 1.91 4.61 -17.49
C PHE A 543 0.61 5.38 -17.24
N SER A 544 0.08 5.97 -18.34
CA SER A 544 -0.97 6.98 -18.24
C SER A 544 -2.37 6.40 -17.99
N ALA A 545 -2.55 5.08 -18.00
CA ALA A 545 -3.83 4.51 -17.60
C ALA A 545 -3.57 3.13 -17.04
N PRO A 546 -4.38 2.66 -16.07
CA PRO A 546 -4.11 1.36 -15.42
C PRO A 546 -4.69 0.22 -16.25
N VAL A 547 -3.94 -0.19 -17.27
CA VAL A 547 -4.41 -1.11 -18.29
C VAL A 547 -3.30 -2.08 -18.64
N TYR A 548 -3.70 -3.20 -19.24
CA TYR A 548 -2.78 -4.09 -19.94
C TYR A 548 -2.45 -3.47 -21.30
N ILE A 549 -1.19 -3.18 -21.52
CA ILE A 549 -0.73 -2.56 -22.76
C ILE A 549 -0.25 -3.66 -23.69
N GLU A 550 -0.82 -3.74 -24.88
CA GLU A 550 -0.35 -4.66 -25.91
C GLU A 550 0.17 -3.79 -27.05
N ASP A 551 1.48 -3.51 -27.05
CA ASP A 551 2.02 -2.50 -27.94
C ASP A 551 2.20 -3.00 -29.37
N GLN A 552 2.16 -4.32 -29.59
CA GLN A 552 2.28 -4.92 -30.93
C GLN A 552 3.53 -4.44 -31.66
N LEU A 553 4.57 -4.14 -30.90
CA LEU A 553 5.84 -3.74 -31.49
C LEU A 553 6.75 -4.95 -31.62
N THR A 554 7.65 -4.91 -32.61
CA THR A 554 8.66 -5.95 -32.69
C THR A 554 9.69 -5.74 -31.58
N ASP A 555 10.46 -6.79 -31.30
CA ASP A 555 11.51 -6.63 -30.31
C ASP A 555 12.54 -5.62 -30.77
N GLU A 556 12.73 -5.50 -32.09
CA GLU A 556 13.69 -4.53 -32.60
C GLU A 556 13.21 -3.10 -32.28
N GLU A 557 11.91 -2.86 -32.43
CA GLU A 557 11.35 -1.56 -32.07
C GLU A 557 11.45 -1.31 -30.58
N ARG A 558 11.17 -2.34 -29.77
CA ARG A 558 11.21 -2.14 -28.33
C ARG A 558 12.63 -1.85 -27.87
N ILE A 559 13.63 -2.47 -28.50
CA ILE A 559 15.01 -2.19 -28.15
C ILE A 559 15.34 -0.73 -28.44
N LEU A 560 14.84 -0.22 -29.57
CA LEU A 560 15.12 1.17 -29.91
C LEU A 560 14.51 2.11 -28.88
N LEU A 561 13.29 1.82 -28.43
CA LEU A 561 12.67 2.63 -27.39
C LEU A 561 13.45 2.50 -26.08
N LEU A 562 13.79 1.26 -25.71
CA LEU A 562 14.59 1.04 -24.51
C LEU A 562 15.87 1.87 -24.53
N LYS A 563 16.51 1.99 -25.69
CA LYS A 563 17.76 2.75 -25.73
C LYS A 563 17.52 4.26 -25.81
N TYR A 564 16.53 4.69 -26.60
CA TYR A 564 16.48 6.07 -27.07
C TYR A 564 15.22 6.86 -26.70
N ASP A 565 14.16 6.20 -26.22
CA ASP A 565 12.96 6.94 -25.84
C ASP A 565 13.25 7.90 -24.68
N SER A 566 12.41 8.92 -24.55
CA SER A 566 12.58 9.90 -23.48
C SER A 566 11.83 9.53 -22.22
N ASP A 567 10.82 8.65 -22.31
CA ASP A 567 9.97 8.35 -21.16
C ASP A 567 10.47 7.11 -20.42
N ALA A 568 10.73 7.27 -19.12
CA ALA A 568 11.27 6.15 -18.34
C ALA A 568 10.31 4.97 -18.31
N PHE A 569 9.01 5.21 -18.14
CA PHE A 569 8.11 4.06 -18.12
C PHE A 569 8.11 3.30 -19.45
N VAL A 570 8.01 4.02 -20.57
CA VAL A 570 7.95 3.28 -21.84
C VAL A 570 9.24 2.49 -22.07
N ARG A 571 10.38 3.05 -21.65
CA ARG A 571 11.62 2.31 -21.82
C ARG A 571 11.57 1.03 -20.99
N TYR A 572 11.17 1.18 -19.71
CA TYR A 572 11.05 0.04 -18.80
C TYR A 572 9.98 -0.94 -19.28
N ASN A 573 8.89 -0.42 -19.83
CA ASN A 573 7.84 -1.31 -20.31
C ASN A 573 8.27 -2.05 -21.58
N SER A 574 9.04 -1.38 -22.43
CA SER A 574 9.53 -2.06 -23.62
C SER A 574 10.44 -3.21 -23.24
N CYS A 575 11.31 -2.99 -22.25
CA CYS A 575 12.13 -4.06 -21.70
C CYS A 575 11.26 -5.18 -21.12
N THR A 576 10.26 -4.80 -20.31
CA THR A 576 9.33 -5.77 -19.75
C THR A 576 8.69 -6.63 -20.83
N ASN A 577 8.26 -6.00 -21.92
CA ASN A 577 7.58 -6.72 -23.00
C ASN A 577 8.53 -7.67 -23.72
N ILE A 578 9.78 -7.27 -23.93
CA ILE A 578 10.77 -8.18 -24.51
C ILE A 578 10.93 -9.40 -23.62
N TYR A 579 11.08 -9.17 -22.31
CA TYR A 579 11.20 -10.26 -21.36
C TYR A 579 9.98 -11.15 -21.40
N MET A 580 8.80 -10.55 -21.48
CA MET A 580 7.57 -11.33 -21.38
C MET A 580 7.45 -12.25 -22.60
N LYS A 581 7.80 -11.74 -23.79
CA LYS A 581 7.74 -12.58 -24.98
C LYS A 581 8.70 -13.77 -24.85
N GLN A 582 9.90 -13.51 -24.35
CA GLN A 582 10.86 -14.59 -24.11
C GLN A 582 10.35 -15.59 -23.08
N ILE A 583 9.79 -15.08 -21.96
CA ILE A 583 9.30 -15.95 -20.89
C ILE A 583 8.21 -16.87 -21.39
N LEU A 584 7.24 -16.33 -22.13
CA LEU A 584 6.12 -17.15 -22.59
C LEU A 584 6.60 -18.21 -23.57
N MET A 585 7.55 -17.84 -24.45
CA MET A 585 8.09 -18.80 -25.41
CA MET A 585 8.07 -18.81 -25.41
C MET A 585 8.83 -19.92 -24.71
N ASN A 586 9.77 -19.56 -23.82
CA ASN A 586 10.56 -20.60 -23.15
C ASN A 586 9.67 -21.43 -22.22
N TYR A 587 8.73 -20.77 -21.52
CA TYR A 587 7.80 -21.49 -20.67
C TYR A 587 7.09 -22.59 -21.45
N ASN A 588 6.57 -22.25 -22.63
CA ASN A 588 5.85 -23.24 -23.43
CA ASN A 588 5.85 -23.26 -23.40
C ASN A 588 6.77 -24.36 -23.89
N GLU A 589 8.04 -24.04 -24.18
CA GLU A 589 8.97 -25.06 -24.63
C GLU A 589 9.32 -26.01 -23.49
N PHE A 590 9.57 -25.47 -22.29
CA PHE A 590 9.79 -26.32 -21.12
C PHE A 590 8.54 -27.14 -20.78
N LEU A 591 7.36 -26.52 -20.87
CA LEU A 591 6.13 -27.23 -20.54
C LEU A 591 5.96 -28.44 -21.44
N LYS A 592 6.13 -28.23 -22.75
CA LYS A 592 5.98 -29.30 -23.72
C LYS A 592 6.95 -30.43 -23.44
N ALA A 593 8.20 -30.10 -23.09
CA ALA A 593 9.19 -31.14 -22.81
C ALA A 593 8.77 -31.96 -21.59
N LYS A 594 8.27 -31.29 -20.54
CA LYS A 594 7.72 -31.97 -19.38
C LYS A 594 6.51 -32.82 -19.75
N ASN A 595 5.53 -32.21 -20.43
CA ASN A 595 4.30 -32.92 -20.76
C ASN A 595 4.56 -34.12 -21.67
N GLU A 596 5.45 -33.97 -22.64
CA GLU A 596 5.70 -35.06 -23.57
C GLU A 596 6.86 -35.94 -23.15
N LYS A 597 7.46 -35.69 -21.98
CA LYS A 597 8.56 -36.53 -21.49
C LYS A 597 9.67 -36.62 -22.54
N LEU A 598 10.01 -35.46 -23.09
CA LEU A 598 10.99 -35.39 -24.16
C LEU A 598 12.37 -35.75 -23.62
N GLU A 599 13.11 -36.54 -24.40
CA GLU A 599 14.49 -36.86 -24.07
C GLU A 599 15.44 -35.75 -24.51
N SER A 600 15.02 -34.93 -25.45
CA SER A 600 15.80 -33.78 -25.89
C SER A 600 14.86 -32.78 -26.54
N PHE A 601 15.23 -31.52 -26.50
CA PHE A 601 14.39 -30.47 -27.06
C PHE A 601 15.23 -29.22 -27.19
N GLN A 602 14.68 -28.20 -27.86
CA GLN A 602 15.36 -26.94 -28.06
C GLN A 602 14.65 -25.82 -27.31
N LEU A 603 15.44 -24.87 -26.81
CA LEU A 603 14.94 -23.63 -26.22
C LEU A 603 15.31 -22.46 -27.12
N THR A 604 14.39 -21.54 -27.29
CA THR A 604 14.68 -20.32 -28.04
C THR A 604 15.61 -19.43 -27.21
N PRO A 605 16.79 -19.08 -27.70
CA PRO A 605 17.70 -18.25 -26.92
C PRO A 605 17.17 -16.83 -26.76
N VAL A 606 17.71 -16.14 -25.76
CA VAL A 606 17.40 -14.72 -25.58
C VAL A 606 17.93 -13.93 -26.75
N ASN A 607 17.15 -12.94 -27.20
CA ASN A 607 17.54 -12.08 -28.31
C ASN A 607 18.90 -11.44 -28.04
N ALA A 608 19.85 -11.64 -28.96
CA ALA A 608 21.21 -11.14 -28.72
C ALA A 608 21.26 -9.61 -28.79
N GLN A 609 20.47 -8.99 -29.66
CA GLN A 609 20.47 -7.53 -29.69
C GLN A 609 19.85 -6.94 -28.42
N PHE A 610 18.92 -7.67 -27.80
CA PHE A 610 18.41 -7.24 -26.50
C PHE A 610 19.53 -7.26 -25.46
N ILE A 611 20.29 -8.35 -25.39
CA ILE A 611 21.41 -8.42 -24.46
C ILE A 611 22.41 -7.30 -24.75
N ASP A 612 22.68 -7.03 -26.03
CA ASP A 612 23.57 -5.91 -26.37
C ASP A 612 23.03 -4.58 -25.87
N ALA A 613 21.71 -4.39 -25.93
CA ALA A 613 21.12 -3.14 -25.48
C ALA A 613 21.23 -3.00 -23.97
N ILE A 614 21.04 -4.11 -23.24
CA ILE A 614 21.26 -4.07 -21.80
C ILE A 614 22.69 -3.66 -21.49
N LYS A 615 23.67 -4.27 -22.18
CA LYS A 615 25.07 -3.93 -21.96
C LYS A 615 25.32 -2.45 -22.24
N TYR A 616 24.78 -1.96 -23.34
CA TYR A 616 24.96 -0.57 -23.73
C TYR A 616 24.47 0.38 -22.63
N LEU A 617 23.29 0.10 -22.08
CA LEU A 617 22.76 0.94 -21.02
C LEU A 617 23.57 0.78 -19.73
N LEU A 618 23.92 -0.46 -19.37
CA LEU A 618 24.72 -0.65 -18.15
C LEU A 618 26.04 0.09 -18.24
N GLU A 619 26.66 0.12 -19.42
CA GLU A 619 27.96 0.76 -19.54
C GLU A 619 27.88 2.26 -19.73
N ASP A 620 26.68 2.83 -19.79
CA ASP A 620 26.56 4.26 -19.97
C ASP A 620 26.69 4.94 -18.60
N PRO A 621 27.76 5.73 -18.38
CA PRO A 621 27.90 6.37 -17.07
C PRO A 621 26.91 7.48 -16.83
N HIS A 622 26.20 7.94 -17.84
CA HIS A 622 25.19 8.97 -17.64
C HIS A 622 23.81 8.39 -17.40
N ALA A 623 23.67 7.07 -17.46
CA ALA A 623 22.39 6.41 -17.23
C ALA A 623 22.17 6.21 -15.73
N ASP A 624 20.91 6.02 -15.37
CA ASP A 624 20.48 6.03 -13.98
C ASP A 624 20.64 4.65 -13.34
N ALA A 625 21.25 4.62 -12.16
CA ALA A 625 21.52 3.34 -11.49
C ALA A 625 20.23 2.61 -11.15
N GLY A 626 19.20 3.33 -10.70
CA GLY A 626 17.96 2.66 -10.37
C GLY A 626 17.31 2.03 -11.58
N PHE A 627 17.27 2.76 -12.70
CA PHE A 627 16.77 2.21 -13.95
C PHE A 627 17.56 0.98 -14.36
N LYS A 628 18.90 1.04 -14.25
CA LYS A 628 19.72 -0.11 -14.60
C LYS A 628 19.31 -1.35 -13.82
N SER A 629 18.99 -1.19 -12.53
N SER A 629 18.99 -1.19 -12.53
CA SER A 629 18.61 -2.34 -11.73
CA SER A 629 18.61 -2.34 -11.73
C SER A 629 17.31 -2.96 -12.22
C SER A 629 17.30 -2.96 -12.21
N TYR A 630 16.42 -2.15 -12.80
CA TYR A 630 15.17 -2.68 -13.32
C TYR A 630 15.40 -3.52 -14.58
N ILE A 631 16.33 -3.08 -15.44
CA ILE A 631 16.46 -3.76 -16.74
C ILE A 631 17.16 -5.12 -16.63
N VAL A 632 17.94 -5.36 -15.56
CA VAL A 632 18.58 -6.67 -15.40
C VAL A 632 17.73 -7.61 -14.57
N SER A 633 16.53 -7.20 -14.18
CA SER A 633 15.64 -8.02 -13.38
C SER A 633 14.46 -8.47 -14.23
N LEU A 634 14.15 -9.76 -14.21
CA LEU A 634 12.97 -10.22 -14.93
C LEU A 634 11.71 -9.67 -14.28
N PRO A 635 10.62 -9.57 -15.04
CA PRO A 635 9.35 -9.15 -14.44
C PRO A 635 8.98 -10.02 -13.23
N GLN A 636 8.33 -9.40 -12.24
CA GLN A 636 7.88 -10.12 -11.05
C GLN A 636 7.02 -11.34 -11.41
N ASP A 637 7.15 -12.40 -10.59
CA ASP A 637 6.34 -13.59 -10.77
C ASP A 637 4.85 -13.27 -10.82
N ARG A 638 4.37 -12.42 -9.91
CA ARG A 638 2.94 -12.09 -9.92
C ARG A 638 2.54 -11.25 -11.13
N TYR A 639 3.48 -10.60 -11.80
CA TYR A 639 3.16 -9.98 -13.08
C TYR A 639 3.06 -11.03 -14.19
N ILE A 640 4.03 -11.94 -14.25
CA ILE A 640 4.05 -12.99 -15.25
C ILE A 640 2.78 -13.83 -15.20
N ILE A 641 2.29 -14.14 -14.00
N ILE A 641 2.29 -14.11 -14.00
CA ILE A 641 1.18 -15.09 -13.89
CA ILE A 641 1.19 -15.06 -13.82
C ILE A 641 -0.10 -14.55 -14.53
C ILE A 641 -0.10 -14.55 -14.44
N ASN A 642 -0.23 -13.24 -14.66
CA ASN A 642 -1.42 -12.73 -15.35
C ASN A 642 -1.48 -13.15 -16.82
N PHE A 643 -0.39 -13.67 -17.38
CA PHE A 643 -0.34 -13.98 -18.80
C PHE A 643 -0.29 -15.48 -19.09
N VAL A 644 -0.35 -16.34 -18.08
CA VAL A 644 -0.23 -17.78 -18.24
C VAL A 644 -1.40 -18.47 -17.57
N SER A 645 -2.11 -19.33 -18.30
CA SER A 645 -3.13 -20.17 -17.70
C SER A 645 -2.50 -21.45 -17.13
N ASN A 646 -3.06 -21.92 -16.02
CA ASN A 646 -2.63 -23.19 -15.41
C ASN A 646 -1.13 -23.17 -15.15
N LEU A 647 -0.63 -22.07 -14.61
CA LEU A 647 0.81 -21.86 -14.54
C LEU A 647 1.45 -22.92 -13.64
N ASP A 648 2.42 -23.63 -14.21
CA ASP A 648 3.23 -24.60 -13.48
C ASP A 648 4.41 -23.83 -12.91
N THR A 649 4.43 -23.64 -11.59
CA THR A 649 5.47 -22.80 -10.99
C THR A 649 6.86 -23.39 -11.18
N ASP A 650 6.96 -24.72 -11.28
CA ASP A 650 8.26 -25.34 -11.51
C ASP A 650 8.76 -25.02 -12.89
N VAL A 651 7.88 -25.10 -13.89
CA VAL A 651 8.27 -24.76 -15.26
C VAL A 651 8.64 -23.29 -15.34
N LEU A 652 7.90 -22.42 -14.63
CA LEU A 652 8.26 -21.01 -14.63
C LEU A 652 9.62 -20.80 -13.97
N ALA A 653 9.88 -21.49 -12.86
CA ALA A 653 11.20 -21.37 -12.23
C ALA A 653 12.31 -21.80 -13.19
N ASP A 654 12.10 -22.89 -13.94
CA ASP A 654 13.09 -23.31 -14.93
C ASP A 654 13.24 -22.28 -16.04
N THR A 655 12.13 -21.64 -16.43
CA THR A 655 12.18 -20.63 -17.48
C THR A 655 13.00 -19.42 -17.06
N LYS A 656 12.72 -18.89 -15.87
CA LYS A 656 13.50 -17.77 -15.36
C LYS A 656 14.96 -18.13 -15.24
N GLU A 657 15.24 -19.32 -14.71
CA GLU A 657 16.62 -19.78 -14.57
C GLU A 657 17.35 -19.75 -15.92
N TYR A 658 16.71 -20.28 -16.97
CA TYR A 658 17.34 -20.29 -18.28
C TYR A 658 17.62 -18.89 -18.79
N ILE A 659 16.65 -17.99 -18.67
CA ILE A 659 16.81 -16.64 -19.20
C ILE A 659 17.89 -15.88 -18.43
N TYR A 660 17.87 -15.97 -17.09
CA TYR A 660 18.93 -15.35 -16.31
C TYR A 660 20.30 -15.92 -16.67
N LYS A 661 20.39 -17.24 -16.87
CA LYS A 661 21.67 -17.85 -17.22
C LYS A 661 22.15 -17.39 -18.59
N GLN A 662 21.24 -17.30 -19.56
CA GLN A 662 21.57 -16.80 -20.90
C GLN A 662 22.20 -15.42 -20.84
N ILE A 663 21.56 -14.51 -20.11
CA ILE A 663 22.05 -13.12 -20.06
C ILE A 663 23.33 -13.05 -19.26
N GLY A 664 23.38 -13.73 -18.12
CA GLY A 664 24.60 -13.78 -17.33
C GLY A 664 25.79 -14.35 -18.08
N ASP A 665 25.57 -15.39 -18.89
CA ASP A 665 26.68 -15.94 -19.66
C ASP A 665 27.29 -14.90 -20.61
N LYS A 666 26.53 -13.88 -21.00
CA LYS A 666 27.12 -12.82 -21.81
C LYS A 666 27.60 -11.64 -20.98
N LEU A 667 26.93 -11.30 -19.89
CA LEU A 667 27.17 -10.01 -19.23
C LEU A 667 27.80 -10.09 -17.85
N ASN A 668 28.08 -11.30 -17.32
CA ASN A 668 28.60 -11.37 -15.95
C ASN A 668 29.85 -10.54 -15.75
N ASP A 669 30.72 -10.47 -16.77
CA ASP A 669 31.95 -9.68 -16.61
C ASP A 669 31.62 -8.20 -16.52
N VAL A 670 30.63 -7.74 -17.30
CA VAL A 670 30.12 -6.38 -17.17
C VAL A 670 29.55 -6.16 -15.77
N TYR A 671 28.69 -7.08 -15.32
CA TYR A 671 28.12 -6.99 -13.98
C TYR A 671 29.20 -6.84 -12.91
N TYR A 672 30.22 -7.69 -12.98
CA TYR A 672 31.26 -7.69 -11.97
C TYR A 672 32.03 -6.38 -11.99
N LYS A 673 32.40 -5.92 -13.18
CA LYS A 673 33.10 -4.64 -13.32
C LYS A 673 32.30 -3.50 -12.70
N MET A 674 30.98 -3.49 -12.90
CA MET A 674 30.17 -2.40 -12.37
C MET A 674 30.03 -2.53 -10.86
N PHE A 675 29.82 -3.76 -10.36
CA PHE A 675 29.80 -3.96 -8.92
C PHE A 675 31.03 -3.35 -8.28
N LYS A 676 32.21 -3.52 -8.90
CA LYS A 676 33.42 -2.98 -8.31
C LYS A 676 33.49 -1.46 -8.47
N SER A 677 33.12 -0.94 -9.65
CA SER A 677 33.34 0.48 -9.88
C SER A 677 32.33 1.34 -9.15
N LEU A 678 31.15 0.79 -8.81
CA LEU A 678 30.11 1.52 -8.11
C LEU A 678 30.38 1.66 -6.62
N GLU A 679 31.34 0.91 -6.08
CA GLU A 679 31.49 0.83 -4.62
C GLU A 679 31.73 2.20 -4.01
N ALA A 680 32.68 2.96 -4.55
CA ALA A 680 33.09 4.23 -3.94
C ALA A 680 31.90 5.15 -3.72
N LYS A 681 31.11 5.40 -4.76
CA LYS A 681 29.98 6.30 -4.61
C LYS A 681 28.82 5.64 -3.87
N ALA A 682 28.60 4.33 -4.09
CA ALA A 682 27.43 3.70 -3.51
C ALA A 682 27.55 3.61 -1.98
N ASP A 683 28.74 3.34 -1.47
CA ASP A 683 28.90 3.06 -0.05
C ASP A 683 29.58 4.21 0.70
N ASP A 684 29.61 5.39 0.08
CA ASP A 684 30.14 6.58 0.72
C ASP A 684 29.56 6.76 2.12
N LEU A 685 30.43 6.92 3.11
CA LEU A 685 30.02 7.11 4.50
C LEU A 685 30.05 8.57 4.95
N THR A 686 30.26 9.51 4.03
CA THR A 686 30.43 10.91 4.40
C THR A 686 29.31 11.40 5.31
N TYR A 687 28.08 10.98 5.03
CA TYR A 687 26.90 11.44 5.74
C TYR A 687 26.23 10.32 6.52
N PHE A 688 27.00 9.30 6.90
CA PHE A 688 26.43 8.16 7.61
C PHE A 688 25.88 8.54 8.97
N ASN A 689 26.47 9.54 9.64
CA ASN A 689 25.96 9.97 10.94
C ASN A 689 25.14 11.25 10.86
N ASP A 690 24.67 11.60 9.68
CA ASP A 690 23.72 12.70 9.49
C ASP A 690 22.40 12.06 9.08
N GLU A 691 21.48 11.93 10.04
N GLU A 691 21.48 11.92 10.04
CA GLU A 691 20.19 11.32 9.81
CA GLU A 691 20.18 11.32 9.77
C GLU A 691 19.20 12.27 9.14
C GLU A 691 19.30 12.17 8.87
N SER A 692 19.66 13.43 8.66
CA SER A 692 18.88 14.35 7.87
C SER A 692 19.24 14.31 6.39
N HIS A 693 20.34 13.67 6.04
CA HIS A 693 20.89 13.70 4.70
C HIS A 693 20.56 12.37 4.03
N VAL A 694 19.60 12.39 3.11
CA VAL A 694 19.15 11.17 2.46
C VAL A 694 19.29 11.36 0.96
N ASP A 695 20.01 10.46 0.32
CA ASP A 695 20.44 10.59 -1.06
C ASP A 695 19.84 9.41 -1.80
N PHE A 696 18.72 9.64 -2.50
CA PHE A 696 18.02 8.55 -3.14
C PHE A 696 18.80 8.00 -4.32
N ASP A 697 19.60 8.83 -4.98
CA ASP A 697 20.46 8.33 -6.06
CA ASP A 697 20.45 8.31 -6.06
C ASP A 697 21.49 7.35 -5.52
N GLN A 698 22.16 7.69 -4.41
CA GLN A 698 23.13 6.79 -3.82
C GLN A 698 22.48 5.49 -3.38
N MET A 699 21.27 5.58 -2.82
CA MET A 699 20.55 4.38 -2.42
C MET A 699 20.25 3.51 -3.64
N ASN A 700 19.93 4.14 -4.78
CA ASN A 700 19.73 3.39 -6.01
C ASN A 700 21.02 2.74 -6.50
N MET A 701 22.17 3.38 -6.27
CA MET A 701 23.42 2.70 -6.63
C MET A 701 23.65 1.48 -5.75
N ARG A 702 23.26 1.53 -4.48
CA ARG A 702 23.38 0.33 -3.67
C ARG A 702 22.42 -0.76 -4.16
N THR A 703 21.21 -0.36 -4.56
CA THR A 703 20.27 -1.33 -5.13
C THR A 703 20.89 -2.02 -6.33
N LEU A 704 21.53 -1.24 -7.21
CA LEU A 704 22.16 -1.82 -8.39
C LEU A 704 23.26 -2.79 -8.00
N ARG A 705 24.11 -2.40 -7.03
CA ARG A 705 25.19 -3.28 -6.61
C ARG A 705 24.65 -4.57 -6.01
N ASN A 706 23.61 -4.45 -5.19
CA ASN A 706 23.08 -5.62 -4.52
C ASN A 706 22.33 -6.51 -5.50
N THR A 707 21.73 -5.92 -6.54
CA THR A 707 21.11 -6.71 -7.60
C THR A 707 22.18 -7.46 -8.40
N LEU A 708 23.25 -6.76 -8.78
CA LEU A 708 24.34 -7.41 -9.50
C LEU A 708 24.99 -8.50 -8.66
N LEU A 709 25.20 -8.23 -7.36
CA LEU A 709 25.83 -9.23 -6.51
C LEU A 709 24.99 -10.50 -6.45
N SER A 710 23.67 -10.33 -6.39
CA SER A 710 22.76 -11.48 -6.43
C SER A 710 22.92 -12.27 -7.73
N LEU A 711 22.91 -11.58 -8.87
CA LEU A 711 23.07 -12.24 -10.15
C LEU A 711 24.41 -12.98 -10.23
N LEU A 712 25.49 -12.34 -9.78
CA LEU A 712 26.81 -12.98 -9.83
C LEU A 712 26.90 -14.15 -8.88
N SER A 713 26.28 -14.05 -7.70
CA SER A 713 26.32 -15.14 -6.74
C SER A 713 25.57 -16.36 -7.26
N LYS A 714 24.36 -16.14 -7.79
CA LYS A 714 23.60 -17.25 -8.36
C LYS A 714 24.39 -17.93 -9.47
N ALA A 715 25.11 -17.13 -10.26
CA ALA A 715 25.92 -17.65 -11.36
C ALA A 715 27.22 -18.31 -10.89
N GLN A 716 27.52 -18.29 -9.60
CA GLN A 716 28.79 -18.82 -9.08
C GLN A 716 29.97 -18.21 -9.81
N TYR A 717 29.91 -16.89 -10.00
CA TYR A 717 30.99 -16.17 -10.66
C TYR A 717 32.29 -16.41 -9.91
N PRO A 718 33.41 -16.64 -10.62
CA PRO A 718 34.64 -17.07 -9.94
C PRO A 718 35.02 -16.16 -8.79
N ASN A 719 35.24 -16.76 -7.62
CA ASN A 719 35.69 -16.09 -6.40
C ASN A 719 34.75 -14.96 -5.95
N ILE A 720 33.48 -14.97 -6.38
CA ILE A 720 32.55 -13.94 -5.92
C ILE A 720 32.34 -14.02 -4.41
N LEU A 721 32.63 -15.18 -3.80
CA LEU A 721 32.45 -15.31 -2.37
C LEU A 721 33.35 -14.34 -1.62
N ASN A 722 34.52 -14.03 -2.18
CA ASN A 722 35.37 -12.98 -1.60
C ASN A 722 34.60 -11.66 -1.50
N GLU A 723 33.89 -11.29 -2.57
CA GLU A 723 33.13 -10.05 -2.55
C GLU A 723 32.02 -10.14 -1.51
N ILE A 724 31.32 -11.27 -1.47
CA ILE A 724 30.24 -11.44 -0.49
C ILE A 724 30.75 -11.22 0.93
N ILE A 725 31.87 -11.86 1.28
CA ILE A 725 32.43 -11.74 2.63
C ILE A 725 32.79 -10.29 2.93
N GLU A 726 33.40 -9.59 1.96
CA GLU A 726 33.75 -8.18 2.20
C GLU A 726 32.49 -7.32 2.34
N HIS A 727 31.47 -7.65 1.54
CA HIS A 727 30.19 -6.94 1.63
C HIS A 727 29.57 -7.06 3.02
N SER A 728 29.76 -8.20 3.68
CA SER A 728 29.18 -8.43 5.00
C SER A 728 29.75 -7.48 6.05
N LYS A 729 30.90 -6.86 5.77
CA LYS A 729 31.52 -5.93 6.70
C LYS A 729 31.11 -4.49 6.44
N SER A 730 30.25 -4.24 5.46
CA SER A 730 29.79 -2.89 5.19
C SER A 730 28.94 -2.36 6.35
N PRO A 731 29.06 -1.08 6.69
CA PRO A 731 28.19 -0.50 7.74
C PRO A 731 26.72 -0.42 7.35
N TYR A 732 26.38 -0.51 6.05
CA TYR A 732 25.00 -0.33 5.62
C TYR A 732 24.22 -1.63 5.73
N PRO A 733 23.11 -1.66 6.47
CA PRO A 733 22.34 -2.92 6.57
C PRO A 733 21.82 -3.44 5.24
N SER A 734 21.48 -2.56 4.29
CA SER A 734 21.14 -3.06 2.96
C SER A 734 22.25 -3.93 2.41
N ASN A 735 23.51 -3.53 2.64
CA ASN A 735 24.62 -4.33 2.15
C ASN A 735 24.81 -5.61 2.96
N TRP A 736 24.92 -5.50 4.30
CA TRP A 736 25.26 -6.72 5.01
C TRP A 736 24.09 -7.70 5.10
N LEU A 737 22.84 -7.23 4.99
CA LEU A 737 21.74 -8.18 4.83
C LEU A 737 21.75 -8.79 3.43
N THR A 738 22.13 -8.02 2.40
CA THR A 738 22.33 -8.63 1.09
C THR A 738 23.38 -9.74 1.16
N SER A 739 24.46 -9.55 1.92
CA SER A 739 25.50 -10.58 1.94
C SER A 739 24.94 -11.89 2.50
N LEU A 740 24.01 -11.79 3.45
CA LEU A 740 23.33 -12.99 3.95
C LEU A 740 22.56 -13.72 2.83
N SER A 741 21.67 -13.01 2.12
CA SER A 741 20.85 -13.74 1.17
C SER A 741 21.64 -14.25 -0.02
N VAL A 742 22.63 -13.48 -0.51
CA VAL A 742 23.40 -14.01 -1.64
C VAL A 742 24.36 -15.10 -1.19
N SER A 743 24.69 -15.17 0.10
CA SER A 743 25.53 -16.26 0.57
C SER A 743 24.79 -17.59 0.63
N ALA A 744 23.47 -17.59 0.38
CA ALA A 744 22.70 -18.83 0.36
C ALA A 744 23.29 -19.85 -0.59
N TYR A 745 23.95 -19.40 -1.66
CA TYR A 745 24.51 -20.32 -2.63
C TYR A 745 25.90 -20.83 -2.23
N PHE A 746 26.34 -20.60 -0.99
CA PHE A 746 27.68 -20.96 -0.58
C PHE A 746 27.65 -21.66 0.78
N ASP A 747 28.76 -22.34 1.10
CA ASP A 747 28.92 -23.00 2.39
C ASP A 747 29.03 -22.03 3.55
N LYS A 748 29.10 -20.72 3.28
CA LYS A 748 29.27 -19.71 4.30
C LYS A 748 27.94 -19.20 4.85
N TYR A 749 26.80 -19.70 4.34
CA TYR A 749 25.51 -19.11 4.68
C TYR A 749 25.27 -19.03 6.17
N PHE A 750 25.49 -20.13 6.89
CA PHE A 750 25.16 -20.12 8.31
C PHE A 750 26.16 -19.33 9.13
N GLU A 751 27.40 -19.20 8.66
CA GLU A 751 28.31 -18.25 9.31
C GLU A 751 27.78 -16.83 9.17
N LEU A 752 27.32 -16.43 7.99
CA LEU A 752 26.77 -15.09 7.86
C LEU A 752 25.41 -14.96 8.53
N TYR A 753 24.64 -16.05 8.56
CA TYR A 753 23.40 -16.10 9.33
C TYR A 753 23.63 -15.69 10.76
N ASP A 754 24.64 -16.29 11.41
CA ASP A 754 24.93 -15.96 12.79
C ASP A 754 25.50 -14.55 12.93
N LYS A 755 26.40 -14.16 12.02
CA LYS A 755 26.99 -12.83 12.11
C LYS A 755 25.93 -11.75 12.01
N THR A 756 25.03 -11.87 11.02
CA THR A 756 24.02 -10.84 10.82
C THR A 756 22.94 -10.90 11.90
N TYR A 757 22.68 -12.09 12.46
CA TYR A 757 21.78 -12.15 13.62
C TYR A 757 22.30 -11.33 14.78
N LYS A 758 23.58 -11.50 15.15
CA LYS A 758 24.06 -10.72 16.27
C LYS A 758 24.09 -9.23 15.95
N LEU A 759 24.30 -8.87 14.68
CA LEU A 759 24.18 -7.46 14.29
C LEU A 759 22.76 -6.94 14.42
N SER A 760 21.75 -7.81 14.32
CA SER A 760 20.36 -7.40 14.19
C SER A 760 19.55 -7.53 15.47
N LYS A 761 19.95 -8.39 16.41
CA LYS A 761 19.01 -8.87 17.42
C LYS A 761 18.64 -7.83 18.46
N ASP A 762 19.41 -6.74 18.59
CA ASP A 762 19.18 -5.76 19.65
C ASP A 762 18.41 -4.53 19.19
N ASP A 763 17.93 -4.52 17.95
CA ASP A 763 17.05 -3.47 17.45
C ASP A 763 15.81 -4.17 16.92
N GLU A 764 14.64 -3.85 17.49
CA GLU A 764 13.41 -4.58 17.16
C GLU A 764 13.15 -4.59 15.65
N LEU A 765 13.32 -3.44 15.00
CA LEU A 765 12.98 -3.35 13.58
C LEU A 765 14.04 -4.01 12.72
N LEU A 766 15.31 -3.89 13.11
CA LEU A 766 16.37 -4.53 12.35
C LEU A 766 16.26 -6.04 12.40
N LEU A 767 15.92 -6.60 13.58
CA LEU A 767 15.69 -8.03 13.69
C LEU A 767 14.60 -8.48 12.75
N GLN A 768 13.54 -7.67 12.59
CA GLN A 768 12.49 -8.02 11.65
C GLN A 768 12.99 -7.99 10.20
N GLU A 769 13.86 -7.04 9.87
CA GLU A 769 14.48 -7.07 8.54
C GLU A 769 15.37 -8.30 8.39
N TRP A 770 16.07 -8.70 9.45
CA TRP A 770 16.86 -9.93 9.40
C TRP A 770 15.95 -11.13 9.16
N LEU A 771 14.82 -11.18 9.87
CA LEU A 771 13.87 -12.27 9.67
C LEU A 771 13.42 -12.37 8.22
N LYS A 772 13.05 -11.24 7.61
CA LYS A 772 12.67 -11.23 6.19
C LYS A 772 13.79 -11.74 5.31
N THR A 773 15.04 -11.38 5.62
CA THR A 773 16.16 -11.78 4.78
C THR A 773 16.35 -13.29 4.82
N VAL A 774 16.25 -13.87 6.01
CA VAL A 774 16.31 -15.32 6.15
C VAL A 774 15.13 -15.96 5.41
N SER A 775 13.92 -15.45 5.68
CA SER A 775 12.70 -15.97 5.07
C SER A 775 12.80 -16.05 3.55
N ARG A 776 13.41 -15.02 2.94
CA ARG A 776 13.56 -14.84 1.50
C ARG A 776 14.74 -15.60 0.92
N SER A 777 15.61 -16.16 1.77
CA SER A 777 16.85 -16.78 1.30
C SER A 777 16.59 -17.98 0.38
N ASP A 778 17.36 -18.06 -0.71
CA ASP A 778 17.19 -19.12 -1.70
C ASP A 778 17.93 -20.35 -1.22
N ARG A 779 17.31 -21.04 -0.25
CA ARG A 779 17.90 -22.16 0.45
C ARG A 779 17.09 -23.43 0.18
N LYS A 780 17.79 -24.53 -0.13
CA LYS A 780 17.11 -25.82 -0.27
C LYS A 780 16.58 -26.31 1.08
N ASP A 781 17.25 -25.94 2.17
CA ASP A 781 16.79 -26.27 3.51
C ASP A 781 15.91 -25.19 4.13
N ILE A 782 15.19 -24.41 3.32
CA ILE A 782 14.41 -23.28 3.85
C ILE A 782 13.34 -23.76 4.84
N TYR A 783 12.79 -24.98 4.67
CA TYR A 783 11.78 -25.45 5.62
C TYR A 783 12.38 -25.72 7.00
N GLU A 784 13.56 -26.34 7.06
CA GLU A 784 14.23 -26.48 8.34
C GLU A 784 14.63 -25.12 8.92
N ILE A 785 15.03 -24.19 8.04
CA ILE A 785 15.40 -22.86 8.51
C ILE A 785 14.20 -22.17 9.13
N LEU A 786 13.02 -22.27 8.50
CA LEU A 786 11.83 -21.66 9.08
C LEU A 786 11.50 -22.26 10.43
N LYS A 787 11.62 -23.58 10.55
CA LYS A 787 11.41 -24.22 11.84
C LYS A 787 12.37 -23.66 12.89
N LYS A 788 13.62 -23.39 12.48
CA LYS A 788 14.58 -22.80 13.40
C LYS A 788 14.17 -21.39 13.81
N LEU A 789 13.72 -20.56 12.85
CA LEU A 789 13.23 -19.22 13.21
C LEU A 789 12.07 -19.30 14.18
N GLU A 790 11.15 -20.24 13.95
CA GLU A 790 10.00 -20.40 14.83
C GLU A 790 10.44 -20.69 16.26
N ASN A 791 11.32 -21.67 16.42
CA ASN A 791 11.70 -22.13 17.76
C ASN A 791 12.61 -21.12 18.46
N GLU A 792 13.50 -20.47 17.70
CA GLU A 792 14.56 -19.66 18.31
C GLU A 792 14.26 -18.17 18.38
N VAL A 793 13.50 -17.60 17.45
CA VAL A 793 13.32 -16.16 17.38
C VAL A 793 11.84 -15.76 17.45
N LEU A 794 11.00 -16.37 16.61
CA LEU A 794 9.60 -15.96 16.52
C LEU A 794 8.81 -16.41 17.75
N LYS A 795 8.86 -17.71 18.07
CA LYS A 795 8.12 -18.28 19.20
C LYS A 795 6.65 -17.91 19.12
N ASP A 796 6.03 -17.51 20.25
CA ASP A 796 4.61 -17.21 20.27
C ASP A 796 4.31 -15.72 20.11
N SER A 797 5.23 -14.96 19.49
CA SER A 797 4.97 -13.54 19.28
C SER A 797 3.63 -13.32 18.60
N LYS A 798 2.86 -12.37 19.13
CA LYS A 798 1.65 -11.90 18.46
C LYS A 798 1.88 -10.57 17.75
N ASN A 799 3.13 -10.14 17.62
CA ASN A 799 3.44 -8.91 16.90
C ASN A 799 3.27 -9.16 15.41
N PRO A 800 2.35 -8.46 14.73
CA PRO A 800 2.19 -8.70 13.28
C PRO A 800 3.46 -8.51 12.48
N ASN A 801 4.30 -7.54 12.86
CA ASN A 801 5.56 -7.37 12.14
C ASN A 801 6.42 -8.61 12.21
N ASP A 802 6.41 -9.32 13.35
CA ASP A 802 7.21 -10.52 13.50
C ASP A 802 6.67 -11.64 12.61
N ILE A 803 5.36 -11.89 12.69
CA ILE A 803 4.74 -12.97 11.92
C ILE A 803 4.88 -12.72 10.42
N ARG A 804 4.55 -11.50 9.97
CA ARG A 804 4.66 -11.19 8.54
C ARG A 804 6.11 -11.30 8.06
N ALA A 805 7.08 -10.92 8.91
CA ALA A 805 8.48 -10.98 8.50
C ALA A 805 8.92 -12.42 8.29
N VAL A 806 8.47 -13.33 9.15
CA VAL A 806 8.94 -14.71 9.09
C VAL A 806 8.36 -15.42 7.87
N TYR A 807 7.11 -15.15 7.52
CA TYR A 807 6.38 -16.00 6.58
C TYR A 807 6.16 -15.39 5.20
N LEU A 808 5.87 -14.09 5.10
CA LEU A 808 5.50 -13.60 3.77
C LEU A 808 6.62 -13.66 2.72
N PRO A 809 7.86 -13.30 3.05
CA PRO A 809 8.91 -13.40 2.01
C PRO A 809 9.06 -14.82 1.48
N PHE A 810 9.04 -15.79 2.38
CA PHE A 810 9.13 -17.20 1.99
C PHE A 810 8.04 -17.56 0.98
N THR A 811 6.83 -17.02 1.14
CA THR A 811 5.75 -17.38 0.23
C THR A 811 6.03 -16.91 -1.19
N ASN A 812 7.02 -16.05 -1.39
CA ASN A 812 7.39 -15.66 -2.74
C ASN A 812 8.50 -16.52 -3.31
N ASN A 813 8.93 -17.55 -2.57
CA ASN A 813 9.93 -18.50 -3.06
C ASN A 813 9.22 -19.42 -4.06
N LEU A 814 9.42 -19.15 -5.35
CA LEU A 814 8.62 -19.81 -6.38
C LEU A 814 8.81 -21.32 -6.35
N ARG A 815 10.05 -21.79 -6.23
CA ARG A 815 10.29 -23.24 -6.22
C ARG A 815 9.85 -23.90 -4.93
N ARG A 816 10.06 -23.25 -3.78
CA ARG A 816 9.91 -23.97 -2.53
C ARG A 816 8.54 -23.77 -1.87
N PHE A 817 7.99 -22.56 -1.89
CA PHE A 817 6.65 -22.38 -1.35
C PHE A 817 5.65 -23.24 -2.09
N HIS A 818 5.82 -23.36 -3.41
CA HIS A 818 4.92 -24.12 -4.27
C HIS A 818 5.36 -25.57 -4.43
N ASP A 819 6.12 -26.09 -3.47
CA ASP A 819 6.52 -27.48 -3.50
C ASP A 819 5.31 -28.37 -3.77
N ILE A 820 5.47 -29.31 -4.69
CA ILE A 820 4.34 -30.09 -5.18
C ILE A 820 3.72 -30.96 -4.10
N SER A 821 4.44 -31.23 -3.01
CA SER A 821 3.83 -31.92 -1.87
C SER A 821 2.70 -31.11 -1.25
N GLY A 822 2.69 -29.81 -1.48
CA GLY A 822 1.79 -28.92 -0.77
C GLY A 822 2.24 -28.53 0.62
N LYS A 823 3.49 -28.87 1.01
CA LYS A 823 3.93 -28.60 2.39
C LYS A 823 3.99 -27.11 2.69
N GLY A 824 4.23 -26.27 1.69
CA GLY A 824 4.24 -24.83 1.89
C GLY A 824 2.86 -24.25 2.10
N TYR A 825 1.89 -24.72 1.31
CA TYR A 825 0.50 -24.32 1.53
C TYR A 825 0.01 -24.75 2.90
N LYS A 826 0.36 -25.97 3.30
CA LYS A 826 -0.01 -26.49 4.62
C LYS A 826 0.56 -25.60 5.72
N LEU A 827 1.81 -25.21 5.58
CA LEU A 827 2.48 -24.44 6.62
C LEU A 827 1.82 -23.07 6.77
N ILE A 828 1.61 -22.35 5.66
N ILE A 828 1.60 -22.36 5.65
CA ILE A 828 1.01 -21.03 5.75
CA ILE A 828 1.02 -21.02 5.77
C ILE A 828 -0.41 -21.13 6.30
C ILE A 828 -0.43 -21.10 6.25
N ALA A 829 -1.17 -22.14 5.87
CA ALA A 829 -2.53 -22.31 6.37
C ALA A 829 -2.55 -22.53 7.89
N GLU A 830 -1.59 -23.30 8.41
CA GLU A 830 -1.47 -23.44 9.86
C GLU A 830 -1.20 -22.09 10.53
N VAL A 831 -0.32 -21.27 9.93
CA VAL A 831 -0.01 -19.96 10.48
C VAL A 831 -1.24 -19.04 10.43
N ILE A 832 -1.98 -19.08 9.32
CA ILE A 832 -3.19 -18.27 9.21
C ILE A 832 -4.18 -18.65 10.30
N THR A 833 -4.45 -19.94 10.43
CA THR A 833 -5.42 -20.41 11.41
C THR A 833 -4.98 -20.04 12.82
N LYS A 834 -3.69 -20.15 13.09
CA LYS A 834 -3.19 -19.81 14.42
C LYS A 834 -3.32 -18.32 14.70
N THR A 835 -2.98 -17.49 13.70
CA THR A 835 -3.05 -16.05 13.84
C THR A 835 -4.49 -15.57 13.93
N ASP A 836 -5.41 -16.26 13.25
CA ASP A 836 -6.81 -15.87 13.24
C ASP A 836 -7.44 -15.94 14.62
N LYS A 837 -6.89 -16.75 15.54
CA LYS A 837 -7.42 -16.79 16.90
C LYS A 837 -7.26 -15.46 17.63
N PHE A 838 -6.27 -14.65 17.28
CA PHE A 838 -6.09 -13.40 18.00
C PHE A 838 -6.07 -12.15 17.13
N ASN A 839 -5.86 -12.27 15.82
CA ASN A 839 -5.84 -11.10 14.94
C ASN A 839 -6.38 -11.47 13.56
N PRO A 840 -7.71 -11.45 13.40
CA PRO A 840 -8.30 -11.80 12.10
C PRO A 840 -7.81 -10.97 10.93
N MET A 841 -7.57 -9.68 11.14
CA MET A 841 -7.21 -8.89 9.97
C MET A 841 -5.81 -9.26 9.48
N VAL A 842 -4.88 -9.54 10.40
CA VAL A 842 -3.56 -10.00 9.98
C VAL A 842 -3.64 -11.44 9.42
N ALA A 843 -4.50 -12.30 9.99
CA ALA A 843 -4.66 -13.62 9.39
C ALA A 843 -5.08 -13.51 7.93
N THR A 844 -5.95 -12.55 7.62
N THR A 844 -5.97 -12.55 7.61
CA THR A 844 -6.40 -12.37 6.25
CA THR A 844 -6.37 -12.41 6.21
C THR A 844 -5.27 -11.86 5.35
C THR A 844 -5.24 -11.89 5.35
N GLN A 845 -4.38 -11.04 5.91
CA GLN A 845 -3.19 -10.60 5.16
C GLN A 845 -2.32 -11.80 4.81
N LEU A 846 -2.21 -12.76 5.73
CA LEU A 846 -1.35 -13.90 5.50
C LEU A 846 -1.94 -14.85 4.46
N CYS A 847 -3.20 -14.67 4.08
CA CYS A 847 -3.80 -15.41 2.97
C CYS A 847 -3.28 -14.97 1.61
N GLU A 848 -2.53 -13.87 1.53
CA GLU A 848 -2.17 -13.31 0.22
C GLU A 848 -1.66 -14.34 -0.79
N PRO A 849 -0.80 -15.31 -0.44
CA PRO A 849 -0.32 -16.24 -1.48
C PRO A 849 -1.41 -17.05 -2.14
N PHE A 850 -2.54 -17.28 -1.47
CA PHE A 850 -3.63 -18.04 -2.05
C PHE A 850 -4.42 -17.24 -3.08
N LYS A 851 -4.21 -15.93 -3.20
CA LYS A 851 -5.05 -15.15 -4.10
C LYS A 851 -4.96 -15.61 -5.55
N LEU A 852 -3.87 -16.25 -5.96
CA LEU A 852 -3.71 -16.68 -7.34
C LEU A 852 -4.06 -18.16 -7.53
N TRP A 853 -4.74 -18.77 -6.55
CA TRP A 853 -4.83 -20.22 -6.50
C TRP A 853 -5.40 -20.80 -7.79
N ASN A 854 -6.40 -20.15 -8.37
CA ASN A 854 -7.04 -20.74 -9.55
C ASN A 854 -6.28 -20.44 -10.84
N LYS A 855 -5.11 -19.80 -10.74
CA LYS A 855 -4.26 -19.54 -11.89
C LYS A 855 -3.14 -20.56 -12.05
N LEU A 856 -2.97 -21.47 -11.09
CA LEU A 856 -1.86 -22.40 -11.12
C LEU A 856 -2.23 -23.68 -11.88
N ASP A 857 -1.25 -24.56 -12.05
CA ASP A 857 -1.52 -25.87 -12.62
C ASP A 857 -2.53 -26.63 -11.76
N THR A 858 -3.24 -27.57 -12.39
CA THR A 858 -4.40 -28.18 -11.74
C THR A 858 -4.04 -28.90 -10.45
N LYS A 859 -2.85 -29.49 -10.37
CA LYS A 859 -2.47 -30.14 -9.11
C LYS A 859 -2.29 -29.10 -8.00
N ARG A 860 -1.65 -27.97 -8.31
CA ARG A 860 -1.45 -26.97 -7.27
C ARG A 860 -2.75 -26.25 -6.94
N GLN A 861 -3.64 -26.08 -7.93
CA GLN A 861 -4.96 -25.56 -7.62
C GLN A 861 -5.66 -26.41 -6.57
N GLU A 862 -5.61 -27.74 -6.73
CA GLU A 862 -6.27 -28.61 -5.78
C GLU A 862 -5.60 -28.58 -4.42
N LEU A 863 -4.28 -28.50 -4.37
CA LEU A 863 -3.58 -28.45 -3.09
C LEU A 863 -3.93 -27.19 -2.33
N MET A 864 -3.94 -26.05 -3.02
CA MET A 864 -4.30 -24.77 -2.42
C MET A 864 -5.74 -24.79 -1.95
N LEU A 865 -6.64 -25.28 -2.81
CA LEU A 865 -8.07 -25.31 -2.48
C LEU A 865 -8.32 -26.17 -1.26
N ASN A 866 -7.60 -27.30 -1.16
CA ASN A 866 -7.74 -28.17 0.01
CA ASN A 866 -7.74 -28.17 0.00
C ASN A 866 -7.41 -27.43 1.31
N GLU A 867 -6.33 -26.66 1.31
CA GLU A 867 -5.95 -25.93 2.53
C GLU A 867 -6.96 -24.83 2.85
N MET A 868 -7.45 -24.12 1.84
CA MET A 868 -8.47 -23.11 2.14
C MET A 868 -9.75 -23.73 2.67
N ASN A 869 -10.19 -24.85 2.09
CA ASN A 869 -11.35 -25.55 2.64
C ASN A 869 -11.07 -26.03 4.05
N THR A 870 -9.84 -26.45 4.33
CA THR A 870 -9.49 -26.84 5.69
C THR A 870 -9.60 -25.65 6.64
N MET A 871 -9.05 -24.50 6.26
CA MET A 871 -9.21 -23.30 7.09
C MET A 871 -10.67 -22.93 7.27
N LEU A 872 -11.46 -23.04 6.20
CA LEU A 872 -12.88 -22.69 6.28
C LEU A 872 -13.64 -23.59 7.25
N GLN A 873 -13.14 -24.79 7.50
CA GLN A 873 -13.82 -25.76 8.36
C GLN A 873 -13.46 -25.60 9.84
N GLU A 874 -12.56 -24.68 10.18
CA GLU A 874 -12.25 -24.45 11.59
C GLU A 874 -13.45 -23.89 12.32
N PRO A 875 -13.93 -24.54 13.39
CA PRO A 875 -15.14 -24.03 14.08
C PRO A 875 -15.00 -22.62 14.58
N GLN A 876 -13.80 -22.17 14.94
CA GLN A 876 -13.61 -20.87 15.54
C GLN A 876 -13.18 -19.79 14.54
N ILE A 877 -13.33 -20.05 13.24
CA ILE A 877 -12.86 -19.09 12.24
C ILE A 877 -13.52 -17.73 12.42
N SER A 878 -12.73 -16.67 12.26
CA SER A 878 -13.21 -15.30 12.41
C SER A 878 -14.15 -14.94 11.26
N ASN A 879 -14.93 -13.87 11.49
CA ASN A 879 -15.75 -13.30 10.43
C ASN A 879 -14.90 -12.85 9.24
N ASN A 880 -13.78 -12.15 9.50
CA ASN A 880 -12.88 -11.71 8.43
C ASN A 880 -12.42 -12.87 7.57
N LEU A 881 -11.84 -13.90 8.21
CA LEU A 881 -11.23 -14.97 7.44
C LEU A 881 -12.26 -15.77 6.67
N LYS A 882 -13.42 -16.05 7.29
CA LYS A 882 -14.48 -16.80 6.63
C LYS A 882 -14.97 -16.06 5.38
N GLU A 883 -15.28 -14.78 5.53
CA GLU A 883 -15.81 -13.99 4.42
C GLU A 883 -14.81 -13.92 3.27
N TYR A 884 -13.54 -13.74 3.60
CA TYR A 884 -12.48 -13.65 2.60
C TYR A 884 -12.31 -14.96 1.85
N LEU A 885 -12.15 -16.07 2.58
CA LEU A 885 -11.94 -17.35 1.91
C LEU A 885 -13.19 -17.80 1.16
N LEU A 886 -14.38 -17.47 1.66
CA LEU A 886 -15.58 -17.81 0.92
C LEU A 886 -15.60 -17.12 -0.45
N ARG A 887 -15.27 -15.83 -0.48
CA ARG A 887 -15.17 -15.10 -1.75
C ARG A 887 -14.02 -15.60 -2.60
N LEU A 888 -12.87 -15.88 -1.97
CA LEU A 888 -11.72 -16.29 -2.76
C LEU A 888 -11.92 -17.65 -3.40
N THR A 889 -12.59 -18.58 -2.71
CA THR A 889 -12.79 -19.92 -3.24
C THR A 889 -14.05 -20.03 -4.07
N ASN A 890 -14.74 -18.93 -4.34
CA ASN A 890 -15.94 -18.96 -5.19
C ASN A 890 -17.00 -19.88 -4.60
N LYS A 891 -17.20 -19.81 -3.29
CA LYS A 891 -18.20 -20.66 -2.62
C LYS A 891 -19.42 -19.83 -2.23
C1 GOL B . 1.19 4.28 2.44
O1 GOL B . 1.01 4.37 1.03
C2 GOL B . -0.19 4.51 2.95
O2 GOL B . -1.11 3.59 2.39
C3 GOL B . -0.10 4.49 4.54
O3 GOL B . 0.44 5.73 4.89
C1 GOL C . 3.07 -1.97 7.35
O1 GOL C . 4.22 -1.12 7.33
C2 GOL C . 3.54 -3.44 7.17
O2 GOL C . 4.36 -3.85 8.18
C3 GOL C . 2.25 -4.32 7.07
O3 GOL C . 1.51 -3.95 5.93
S DMS D . -6.79 -7.29 2.60
O DMS D . -6.34 -6.60 1.35
C1 DMS D . -5.97 -8.89 2.83
C2 DMS D . -8.53 -7.81 2.52
C1 GOL E . 23.40 8.77 3.15
O1 GOL E . 24.44 8.51 4.12
C2 GOL E . 23.30 7.55 2.15
O2 GOL E . 23.69 6.35 2.64
C3 GOL E . 21.92 7.53 1.40
O3 GOL E . 20.96 8.24 2.12
S DMS F . 20.26 6.36 -32.99
O DMS F . 18.79 6.58 -33.07
C1 DMS F . 21.10 7.91 -32.56
C2 DMS F . 20.92 6.04 -34.65
C10 X4I G . -6.02 1.93 8.78
N12 X4I G . -2.99 2.19 4.98
C13 X4I G . -1.66 1.61 5.23
C17 X4I G . -3.52 -0.78 1.67
C20 X4I G . -4.79 -2.53 2.77
C21 X4I G . -4.26 -2.17 3.99
C02 X4I G . -9.40 -1.34 9.49
C03 X4I G . -8.71 -0.51 8.63
C04 X4I G . -7.44 -0.10 9.04
C05 X4I G . -6.50 0.78 8.24
C06 X4I G . -6.06 0.29 6.99
C07 X4I G . -5.13 1.06 6.26
C08 X4I G . -4.64 2.24 6.81
C09 X4I G . -5.07 2.70 8.03
C11 X4I G . -3.60 3.00 6.02
C14 X4I G . -1.01 0.76 4.06
C16 X4I G . -2.99 -0.41 2.89
C18 X4I G . -4.42 -1.82 1.63
C23 X4I G . -3.34 -1.13 4.06
C25 X4I G . -4.01 4.36 5.55
C29 X4I G . -6.87 -0.56 10.24
C30 X4I G . -7.59 -1.41 11.08
C32 X4I G . -8.85 -1.80 10.69
F01 X4I G . -10.64 -1.74 9.14
F19 X4I G . -4.92 -2.19 0.44
F22 X4I G . -4.64 -2.87 5.10
F31 X4I G . -7.08 -1.89 12.28
F33 X4I G . -9.55 -2.64 11.52
N15 X4I G . -2.02 0.70 2.93
N26 X4I G . -3.49 5.44 6.35
O24 X4I G . -1.09 1.79 6.22
O27 X4I G . -3.84 6.74 5.95
O28 X4I G . -4.67 4.53 4.56
S DMS H . 21.24 14.53 -0.98
O DMS H . 20.81 15.46 0.11
C1 DMS H . 22.85 15.02 -1.65
C2 DMS H . 20.22 14.77 -2.46
C1 GOL I . -11.89 -8.94 16.21
O1 GOL I . -11.20 -10.07 16.76
C2 GOL I . -11.19 -8.50 14.87
O2 GOL I . -11.98 -8.64 13.72
C3 GOL I . -10.53 -7.05 15.08
O3 GOL I . -11.50 -6.04 14.94
C1 GOL J . 11.10 -5.73 -13.84
O1 GOL J . 12.34 -5.07 -13.63
C2 GOL J . 10.58 -5.42 -15.31
O2 GOL J . 9.20 -5.66 -15.39
C3 GOL J . 11.42 -6.36 -16.30
O3 GOL J . 12.57 -5.64 -16.73
S DMS K . 10.28 -1.68 6.01
O DMS K . 9.70 -0.41 6.52
C1 DMS K . 12.07 -1.48 5.75
C2 DMS K . 9.75 -1.95 4.31
C1 GOL L . 2.90 3.18 -0.99
O1 GOL L . 2.75 1.80 -1.15
C2 GOL L . 1.91 3.88 -1.98
O2 GOL L . 2.61 4.58 -3.00
C3 GOL L . 0.95 2.76 -2.53
O3 GOL L . -0.25 2.60 -1.77
ZN ZN M . -4.69 6.55 4.01
MG MG N . 8.83 -7.50 20.15
MG MG O . -14.71 -6.66 26.24
MG MG P . 8.12 26.73 1.90
MG MG Q . -17.05 -15.78 -7.03
#